data_2GFI
#
_entry.id   2GFI
#
_cell.length_a   121.655
_cell.length_b   121.655
_cell.length_c   332.245
_cell.angle_alpha   90.00
_cell.angle_beta   90.00
_cell.angle_gamma   120.00
#
_symmetry.space_group_name_H-M   'P 65 2 2'
#
loop_
_entity.id
_entity.type
_entity.pdbx_description
1 polymer phytase
2 non-polymer 2-acetamido-2-deoxy-beta-D-glucopyranose
3 water water
#
_entity_poly.entity_id   1
_entity_poly.type   'polypeptide(L)'
_entity_poly.pdbx_seq_one_letter_code
;VSKLINNGLLLVGQGAYQDLASPQQASVEQYNIIRFLGGAAPYIQNKGFGISTDIPDQCTLEQVQLFSRHGERYPSTGSG
KKYKAVYEKLMSYNGTFKGELAFLNDDYEYFVPDSVYLEKETSPKNSDSIYAGTTDAMKHGIAFRTKYGELFDTNDTLPV
FTSNSGRVYQTSQYFARGFMGDDFSNDTVKTNIISEDADMGANSLTPRDGCFNYNENANTAIVDEYTTEYLTKALNRFKA
SNPGLNITEDDVSNLFGYCAYELNVKGASPMCDIFTNEEFIQYSYSVDLDDYYSNSAGNNMTRVIGSTLLNASLELLNHD
KNENKIWLSFTHDTDIEIFHSAIGILIPDEDLPVDYTPFPSPYSHVGITPQGARTIIEKYACGNESYVRYVINDAVIPIK
KCSSGPGFSCNLNDYNDYVAERVAGTNYVEQCGNNNASAVTFYWDYETTNYTASLINS
;
_entity_poly.pdbx_strand_id   A,B
#
loop_
_chem_comp.id
_chem_comp.type
_chem_comp.name
_chem_comp.formula
NAG D-saccharide, beta linking 2-acetamido-2-deoxy-beta-D-glucopyranose 'C8 H15 N O6'
#
# COMPACT_ATOMS: atom_id res chain seq x y z
N VAL A 1 -32.21 9.25 6.14
CA VAL A 1 -30.78 9.67 6.39
C VAL A 1 -30.05 10.23 5.13
N SER A 2 -29.37 11.34 5.28
CA SER A 2 -28.75 11.98 4.14
C SER A 2 -27.82 11.05 3.36
N LYS A 3 -27.89 11.15 2.05
CA LYS A 3 -27.02 10.36 1.19
C LYS A 3 -25.58 10.84 1.30
N LEU A 4 -25.39 12.00 1.93
CA LEU A 4 -24.05 12.53 2.24
C LEU A 4 -23.38 11.83 3.41
N ILE A 5 -24.13 11.02 4.14
CA ILE A 5 -23.61 10.37 5.34
C ILE A 5 -23.42 8.91 5.04
N ASN A 6 -22.24 8.41 5.32
CA ASN A 6 -21.97 6.97 5.17
C ASN A 6 -22.30 6.53 3.76
N ASN A 7 -21.87 7.31 2.79
CA ASN A 7 -22.21 6.92 1.46
C ASN A 7 -21.04 6.22 0.79
N GLY A 8 -19.99 5.93 1.56
CA GLY A 8 -18.83 5.22 1.06
C GLY A 8 -18.00 4.60 2.16
N LEU A 9 -16.82 4.16 1.78
CA LEU A 9 -15.99 3.34 2.66
C LEU A 9 -14.74 4.10 3.08
N LEU A 10 -14.57 5.31 2.57
CA LEU A 10 -13.31 6.03 2.76
C LEU A 10 -13.39 7.01 3.94
N LEU A 11 -12.39 6.91 4.78
CA LEU A 11 -12.19 7.76 5.93
C LEU A 11 -11.35 8.99 5.55
N VAL A 12 -11.74 9.62 4.45
CA VAL A 12 -11.07 10.83 3.96
C VAL A 12 -12.08 11.52 3.06
N GLY A 13 -12.04 12.85 3.00
CA GLY A 13 -12.88 13.55 2.05
C GLY A 13 -12.09 14.06 0.85
N GLN A 14 -12.63 15.10 0.21
CA GLN A 14 -12.13 15.56 -1.05
C GLN A 14 -10.80 16.31 -0.94
N GLY A 15 -10.44 16.70 0.28
CA GLY A 15 -9.17 17.37 0.55
C GLY A 15 -7.96 16.61 0.06
N ALA A 16 -8.13 15.32 -0.18
CA ALA A 16 -7.07 14.48 -0.67
C ALA A 16 -6.63 14.89 -2.09
N TYR A 17 -7.51 15.60 -2.81
CA TYR A 17 -7.33 15.88 -4.23
C TYR A 17 -6.97 17.30 -4.52
N GLN A 18 -6.98 18.13 -3.48
CA GLN A 18 -7.09 19.58 -3.64
C GLN A 18 -5.87 20.24 -4.29
N ASP A 19 -4.71 19.59 -4.29
CA ASP A 19 -3.57 20.20 -4.98
C ASP A 19 -2.98 19.32 -6.10
N LEU A 20 -3.81 18.47 -6.69
CA LEU A 20 -3.36 17.49 -7.64
C LEU A 20 -3.82 17.94 -9.01
N ALA A 21 -3.20 17.42 -10.06
CA ALA A 21 -3.64 17.69 -11.42
C ALA A 21 -4.67 16.65 -11.77
N SER A 22 -4.40 15.41 -11.35
CA SER A 22 -5.26 14.30 -11.59
C SER A 22 -5.62 13.64 -10.27
N PRO A 23 -6.88 13.23 -10.11
CA PRO A 23 -7.29 12.51 -8.91
C PRO A 23 -6.52 11.21 -8.80
N GLN A 24 -5.96 10.70 -9.91
CA GLN A 24 -5.14 9.49 -9.82
C GLN A 24 -3.79 9.73 -9.16
N GLN A 25 -3.44 10.98 -8.86
CA GLN A 25 -2.23 11.24 -8.08
C GLN A 25 -2.50 11.06 -6.61
N ALA A 26 -3.75 10.83 -6.23
CA ALA A 26 -4.15 10.72 -4.82
C ALA A 26 -4.00 9.32 -4.32
N SER A 27 -3.66 9.18 -3.05
CA SER A 27 -3.70 7.88 -2.40
C SER A 27 -4.80 7.86 -1.34
N VAL A 28 -5.96 7.37 -1.72
CA VAL A 28 -7.10 7.39 -0.81
C VAL A 28 -7.45 6.01 -0.30
N GLU A 29 -6.94 4.97 -0.97
CA GLU A 29 -7.23 3.57 -0.58
C GLU A 29 -6.76 3.20 0.81
N GLN A 30 -5.71 3.87 1.29
CA GLN A 30 -5.25 3.67 2.67
C GLN A 30 -6.39 3.96 3.67
N TYR A 31 -7.40 4.73 3.24
CA TYR A 31 -8.41 5.24 4.16
C TYR A 31 -9.66 4.38 4.20
N ASN A 32 -9.66 3.29 3.47
CA ASN A 32 -10.81 2.45 3.44
C ASN A 32 -11.06 1.79 4.80
N ILE A 33 -12.27 2.02 5.34
CA ILE A 33 -12.73 1.56 6.66
C ILE A 33 -12.56 0.03 6.78
N ILE A 34 -12.89 -0.69 5.70
CA ILE A 34 -12.72 -2.13 5.69
C ILE A 34 -11.34 -2.57 6.18
N ARG A 35 -10.30 -1.83 5.81
CA ARG A 35 -8.96 -2.28 6.11
C ARG A 35 -8.67 -2.21 7.61
N PHE A 36 -9.54 -1.54 8.36
CA PHE A 36 -9.35 -1.39 9.81
C PHE A 36 -10.31 -2.23 10.63
N LEU A 37 -11.17 -2.98 9.92
CA LEU A 37 -12.23 -3.74 10.61
C LEU A 37 -11.92 -5.21 10.78
N GLY A 38 -10.66 -5.57 10.55
CA GLY A 38 -10.15 -6.89 10.94
C GLY A 38 -10.67 -8.08 10.13
N GLY A 39 -11.14 -7.86 8.91
CA GLY A 39 -11.74 -8.94 8.11
C GLY A 39 -13.22 -9.14 8.34
N ALA A 40 -13.84 -8.34 9.20
CA ALA A 40 -15.25 -8.52 9.51
C ALA A 40 -16.14 -7.82 8.51
N ALA A 41 -15.62 -6.73 7.94
CA ALA A 41 -16.38 -5.86 7.08
C ALA A 41 -16.36 -6.47 5.64
N PRO A 42 -16.96 -5.80 4.64
CA PRO A 42 -17.02 -6.39 3.31
C PRO A 42 -15.66 -6.72 2.67
N TYR A 43 -15.72 -7.54 1.61
CA TYR A 43 -14.54 -7.85 0.82
C TYR A 43 -13.80 -6.58 0.41
N ILE A 44 -12.47 -6.67 0.45
CA ILE A 44 -11.64 -5.66 -0.17
C ILE A 44 -10.41 -6.33 -0.76
N GLN A 45 -9.98 -5.82 -1.90
CA GLN A 45 -8.80 -6.34 -2.60
C GLN A 45 -7.54 -5.96 -1.88
N ASN A 46 -6.58 -6.88 -1.91
CA ASN A 46 -5.31 -6.66 -1.30
C ASN A 46 -4.66 -5.43 -1.95
N LYS A 47 -3.96 -4.60 -1.16
CA LYS A 47 -3.33 -3.38 -1.72
C LYS A 47 -2.45 -3.72 -2.93
N GLY A 48 -1.73 -4.84 -2.86
CA GLY A 48 -0.98 -5.40 -4.00
C GLY A 48 0.23 -4.62 -4.45
N PHE A 49 0.84 -4.98 -5.58
CA PHE A 49 2.13 -4.37 -5.93
C PHE A 49 2.18 -3.87 -7.35
N GLY A 50 1.04 -3.91 -8.05
CA GLY A 50 0.97 -3.38 -9.40
C GLY A 50 1.19 -4.44 -10.45
N ILE A 51 1.31 -5.71 -10.02
CA ILE A 51 1.54 -6.82 -10.92
C ILE A 51 0.27 -7.11 -11.62
N SER A 52 0.36 -7.20 -12.93
CA SER A 52 -0.84 -7.48 -13.69
C SER A 52 -1.34 -8.89 -13.32
N THR A 53 -2.65 -9.02 -13.11
CA THR A 53 -3.17 -10.29 -12.60
C THR A 53 -3.52 -11.16 -13.79
N ASP A 54 -3.60 -10.55 -14.97
CA ASP A 54 -3.66 -11.26 -16.25
C ASP A 54 -2.63 -12.37 -16.34
N ILE A 55 -2.97 -13.46 -17.02
CA ILE A 55 -1.94 -14.45 -17.36
C ILE A 55 -1.00 -13.78 -18.32
N PRO A 56 0.32 -13.87 -18.06
CA PRO A 56 1.26 -13.19 -18.92
C PRO A 56 1.12 -13.68 -20.35
N ASP A 57 1.31 -12.77 -21.29
CA ASP A 57 1.49 -13.10 -22.71
C ASP A 57 2.49 -14.22 -22.92
N GLN A 58 2.14 -15.14 -23.82
CA GLN A 58 2.97 -16.32 -24.11
C GLN A 58 2.90 -17.33 -22.98
N CYS A 59 1.93 -17.19 -22.08
CA CYS A 59 1.74 -18.17 -21.01
C CYS A 59 0.38 -18.77 -21.17
N THR A 60 0.30 -20.05 -20.88
CA THR A 60 -0.91 -20.78 -21.03
C THR A 60 -1.28 -21.36 -19.69
N LEU A 61 -2.51 -21.06 -19.27
CA LEU A 61 -3.10 -21.60 -18.06
C LEU A 61 -3.05 -23.12 -18.04
N GLU A 62 -2.59 -23.67 -16.94
CA GLU A 62 -2.58 -25.12 -16.75
C GLU A 62 -3.49 -25.55 -15.62
N GLN A 63 -3.55 -24.75 -14.54
CA GLN A 63 -4.32 -25.10 -13.36
C GLN A 63 -4.61 -23.85 -12.51
N VAL A 64 -5.72 -23.88 -11.78
CA VAL A 64 -5.98 -22.87 -10.78
C VAL A 64 -6.57 -23.54 -9.54
N GLN A 65 -6.12 -23.09 -8.38
CA GLN A 65 -6.70 -23.47 -7.10
C GLN A 65 -7.19 -22.20 -6.44
N LEU A 66 -8.43 -22.25 -6.00
CA LEU A 66 -9.07 -21.25 -5.23
C LEU A 66 -9.29 -21.76 -3.81
N PHE A 67 -8.85 -20.97 -2.85
CA PHE A 67 -9.16 -21.18 -1.47
C PHE A 67 -9.88 -19.96 -1.00
N SER A 68 -11.17 -20.12 -0.78
CA SER A 68 -12.05 -19.01 -0.57
C SER A 68 -12.67 -19.07 0.84
N ARG A 69 -12.74 -17.92 1.50
CA ARG A 69 -13.50 -17.75 2.73
C ARG A 69 -14.97 -17.70 2.32
N HIS A 70 -15.88 -17.90 3.28
CA HIS A 70 -17.28 -17.58 3.04
C HIS A 70 -17.35 -16.09 2.71
N GLY A 71 -18.45 -15.64 2.07
CA GLY A 71 -18.64 -14.20 1.86
C GLY A 71 -19.07 -13.48 3.15
N GLU A 72 -19.33 -12.17 3.01
CA GLU A 72 -19.85 -11.36 4.08
C GLU A 72 -21.02 -12.06 4.78
N ARG A 73 -21.10 -11.90 6.07
CA ARG A 73 -22.09 -12.57 6.87
C ARG A 73 -22.62 -11.64 7.95
N TYR A 74 -23.73 -12.09 8.54
CA TYR A 74 -24.21 -11.60 9.79
C TYR A 74 -23.19 -11.97 10.87
N PRO A 75 -23.31 -11.33 12.03
CA PRO A 75 -22.42 -11.67 13.14
C PRO A 75 -22.59 -13.13 13.51
N SER A 76 -21.54 -13.72 14.07
CA SER A 76 -21.64 -15.03 14.64
C SER A 76 -22.54 -14.90 15.85
N THR A 77 -22.84 -16.04 16.46
CA THR A 77 -23.74 -16.02 17.62
C THR A 77 -23.16 -15.17 18.72
N GLY A 78 -21.90 -15.42 19.07
CA GLY A 78 -21.27 -14.77 20.20
C GLY A 78 -21.24 -13.27 20.03
N SER A 79 -20.65 -12.85 18.91
CA SER A 79 -20.53 -11.45 18.55
C SER A 79 -21.89 -10.77 18.43
N GLY A 80 -22.79 -11.36 17.65
CA GLY A 80 -24.16 -10.85 17.55
C GLY A 80 -24.77 -10.62 18.92
N LYS A 81 -24.61 -11.59 19.83
CA LYS A 81 -25.21 -11.43 21.16
C LYS A 81 -24.52 -10.38 21.98
N LYS A 82 -23.19 -10.27 21.82
CA LYS A 82 -22.45 -9.18 22.43
C LYS A 82 -22.91 -7.84 21.87
N TYR A 83 -23.14 -7.76 20.56
CA TYR A 83 -23.60 -6.51 19.93
C TYR A 83 -24.98 -6.15 20.46
N LYS A 84 -25.84 -7.16 20.59
CA LYS A 84 -27.19 -6.95 21.13
C LYS A 84 -27.16 -6.41 22.57
N ALA A 85 -26.33 -7.03 23.42
CA ALA A 85 -26.05 -6.53 24.77
C ALA A 85 -25.54 -5.06 24.82
N VAL A 86 -24.61 -4.70 23.93
CA VAL A 86 -24.17 -3.31 23.87
C VAL A 86 -25.30 -2.42 23.42
N TYR A 87 -26.03 -2.84 22.39
CA TYR A 87 -27.14 -2.07 21.91
C TYR A 87 -28.12 -1.77 23.04
N GLU A 88 -28.41 -2.79 23.87
CA GLU A 88 -29.36 -2.70 24.96
C GLU A 88 -28.82 -1.79 26.08
N LYS A 89 -27.52 -1.90 26.41
CA LYS A 89 -26.88 -0.94 27.32
C LYS A 89 -27.04 0.48 26.81
N LEU A 90 -26.83 0.70 25.50
CA LEU A 90 -26.97 2.04 24.93
C LEU A 90 -28.41 2.50 25.00
N MET A 91 -29.34 1.63 24.60
CA MET A 91 -30.76 2.00 24.63
C MET A 91 -31.31 2.31 26.04
N SER A 92 -30.64 1.83 27.08
CA SER A 92 -31.17 2.01 28.41
C SER A 92 -30.57 3.23 29.14
N TYR A 93 -29.65 3.92 28.46
CA TYR A 93 -29.19 5.24 28.83
C TYR A 93 -30.41 6.17 28.99
N ASN A 94 -30.54 6.83 30.12
CA ASN A 94 -31.69 7.69 30.17
C ASN A 94 -31.21 9.12 30.06
N GLY A 95 -31.68 9.77 29.01
CA GLY A 95 -30.99 10.92 28.48
C GLY A 95 -31.12 10.85 26.98
N THR A 96 -31.00 12.01 26.35
CA THR A 96 -30.92 12.10 24.91
C THR A 96 -29.45 12.05 24.53
N PHE A 97 -29.10 11.11 23.67
CA PHE A 97 -27.73 11.04 23.15
C PHE A 97 -27.40 12.28 22.33
N LYS A 98 -26.20 12.78 22.52
CA LYS A 98 -25.69 13.92 21.76
C LYS A 98 -24.37 13.50 21.12
N GLY A 99 -23.79 14.35 20.25
CA GLY A 99 -22.53 14.03 19.61
C GLY A 99 -22.58 12.85 18.64
N GLU A 100 -21.50 12.10 18.59
CA GLU A 100 -21.39 10.96 17.69
C GLU A 100 -22.44 9.91 17.93
N LEU A 101 -22.95 9.82 19.16
CA LEU A 101 -23.92 8.77 19.49
C LEU A 101 -25.37 9.19 19.28
N ALA A 102 -25.59 10.39 18.76
CA ALA A 102 -26.97 10.91 18.62
C ALA A 102 -27.91 10.04 17.78
N PHE A 103 -27.36 9.36 16.77
CA PHE A 103 -28.20 8.53 15.90
C PHE A 103 -28.95 7.47 16.73
N LEU A 104 -28.46 7.21 17.94
CA LEU A 104 -29.07 6.24 18.87
C LEU A 104 -30.47 6.61 19.29
N ASN A 105 -30.76 7.91 19.31
CA ASN A 105 -32.13 8.43 19.54
C ASN A 105 -33.13 8.16 18.40
N ASP A 106 -32.67 7.88 17.19
CA ASP A 106 -33.56 7.99 16.03
C ASP A 106 -34.29 6.73 15.63
N ASP A 107 -35.00 6.11 16.58
CA ASP A 107 -35.60 4.81 16.32
C ASP A 107 -34.53 3.96 15.73
N TYR A 108 -33.42 3.88 16.44
CA TYR A 108 -32.32 3.13 15.92
C TYR A 108 -32.58 1.68 16.28
N GLU A 109 -32.80 0.86 15.26
CA GLU A 109 -33.03 -0.54 15.47
C GLU A 109 -31.73 -1.30 15.57
N TYR A 110 -31.73 -2.40 16.32
CA TYR A 110 -30.61 -3.30 16.30
C TYR A 110 -30.60 -3.97 14.90
N PHE A 111 -29.41 -4.13 14.30
CA PHE A 111 -29.35 -4.48 12.87
C PHE A 111 -29.62 -5.96 12.53
N VAL A 112 -29.56 -6.82 13.52
CA VAL A 112 -29.96 -8.18 13.34
C VAL A 112 -31.42 -8.29 13.83
N PRO A 113 -32.36 -8.30 12.87
CA PRO A 113 -33.78 -8.29 13.22
C PRO A 113 -34.14 -9.63 13.86
N ASP A 114 -33.64 -10.69 13.24
CA ASP A 114 -33.99 -12.05 13.62
C ASP A 114 -32.70 -12.79 13.90
N SER A 115 -32.61 -13.46 15.04
CA SER A 115 -31.40 -14.13 15.44
C SER A 115 -31.15 -15.39 14.61
N VAL A 116 -32.13 -15.75 13.79
CA VAL A 116 -31.92 -16.85 12.90
C VAL A 116 -30.84 -16.49 11.83
N TYR A 117 -30.62 -15.18 11.61
CA TYR A 117 -29.61 -14.76 10.67
C TYR A 117 -28.20 -14.80 11.22
N LEU A 118 -28.06 -14.92 12.54
CA LEU A 118 -26.74 -15.02 13.06
C LEU A 118 -26.08 -16.22 12.37
N GLU A 119 -24.79 -16.06 12.07
CA GLU A 119 -23.97 -17.12 11.49
C GLU A 119 -24.16 -17.24 9.96
N LYS A 120 -25.12 -16.52 9.40
CA LYS A 120 -25.51 -16.73 8.00
C LYS A 120 -24.85 -15.73 7.09
N GLU A 121 -24.67 -16.13 5.85
CA GLU A 121 -24.29 -15.20 4.79
C GLU A 121 -25.35 -14.14 4.71
N THR A 122 -24.95 -12.90 4.49
CA THR A 122 -25.92 -11.90 4.03
C THR A 122 -26.20 -12.22 2.55
N SER A 123 -27.42 -11.98 2.12
CA SER A 123 -27.81 -12.31 0.77
C SER A 123 -28.91 -11.34 0.42
N PRO A 124 -29.28 -11.22 -0.86
CA PRO A 124 -30.43 -10.44 -1.27
C PRO A 124 -31.70 -10.82 -0.52
N LYS A 125 -31.72 -12.03 0.01
CA LYS A 125 -32.90 -12.60 0.65
C LYS A 125 -33.05 -12.14 2.13
N ASN A 126 -31.93 -11.96 2.83
CA ASN A 126 -31.99 -11.63 4.24
C ASN A 126 -31.39 -10.24 4.57
N SER A 127 -31.13 -9.48 3.52
CA SER A 127 -30.32 -8.29 3.63
C SER A 127 -30.55 -7.35 2.46
N ASP A 128 -30.51 -6.04 2.72
CA ASP A 128 -30.65 -5.06 1.63
C ASP A 128 -29.29 -4.42 1.29
N SER A 129 -28.23 -5.06 1.75
CA SER A 129 -26.89 -4.57 1.58
C SER A 129 -26.30 -4.97 0.24
N ILE A 130 -25.74 -4.02 -0.47
CA ILE A 130 -24.96 -4.35 -1.69
C ILE A 130 -23.76 -5.25 -1.35
N TYR A 131 -23.33 -5.23 -0.09
CA TYR A 131 -22.17 -5.98 0.36
C TYR A 131 -22.50 -7.44 0.73
N ALA A 132 -23.65 -7.92 0.31
CA ALA A 132 -24.09 -9.25 0.64
C ALA A 132 -23.04 -10.29 0.27
N GLY A 133 -22.87 -11.25 1.15
CA GLY A 133 -21.85 -12.28 1.02
C GLY A 133 -22.13 -13.15 -0.16
N THR A 134 -23.40 -13.38 -0.46
CA THR A 134 -23.73 -14.33 -1.51
C THR A 134 -23.49 -13.68 -2.85
N THR A 135 -23.81 -12.39 -2.94
CA THR A 135 -23.57 -11.55 -4.12
C THR A 135 -22.10 -11.53 -4.44
N ASP A 136 -21.30 -11.30 -3.42
CA ASP A 136 -19.86 -11.31 -3.51
C ASP A 136 -19.36 -12.65 -4.07
N ALA A 137 -19.86 -13.77 -3.53
CA ALA A 137 -19.46 -15.10 -3.99
C ALA A 137 -19.93 -15.35 -5.40
N MET A 138 -21.18 -15.04 -5.70
CA MET A 138 -21.71 -15.18 -7.06
C MET A 138 -20.89 -14.36 -8.09
N LYS A 139 -20.63 -13.09 -7.82
CA LYS A 139 -19.87 -12.23 -8.77
C LYS A 139 -18.47 -12.77 -8.96
N HIS A 140 -17.89 -13.29 -7.85
CA HIS A 140 -16.59 -13.89 -7.87
C HIS A 140 -16.59 -15.13 -8.80
N GLY A 141 -17.56 -16.01 -8.64
CA GLY A 141 -17.70 -17.16 -9.51
C GLY A 141 -17.72 -16.74 -10.97
N ILE A 142 -18.54 -15.75 -11.33
CA ILE A 142 -18.61 -15.26 -12.69
C ILE A 142 -17.24 -14.83 -13.21
N ALA A 143 -16.55 -14.02 -12.41
CA ALA A 143 -15.28 -13.43 -12.76
C ALA A 143 -14.27 -14.53 -12.93
N PHE A 144 -14.39 -15.52 -12.05
CA PHE A 144 -13.47 -16.62 -12.03
C PHE A 144 -13.67 -17.45 -13.29
N ARG A 145 -14.92 -17.72 -13.68
CA ARG A 145 -15.15 -18.40 -14.94
C ARG A 145 -14.58 -17.58 -16.08
N THR A 146 -14.84 -16.28 -16.09
CA THR A 146 -14.31 -15.41 -17.16
C THR A 146 -12.79 -15.54 -17.30
N LYS A 147 -12.06 -15.54 -16.18
CA LYS A 147 -10.61 -15.66 -16.19
C LYS A 147 -10.07 -17.06 -16.49
N TYR A 148 -10.65 -18.05 -15.82
CA TYR A 148 -10.06 -19.40 -15.76
C TYR A 148 -10.79 -20.47 -16.53
N GLY A 149 -11.95 -20.12 -17.07
CA GLY A 149 -12.85 -21.07 -17.70
C GLY A 149 -12.32 -21.84 -18.91
N GLU A 150 -11.26 -21.35 -19.55
CA GLU A 150 -10.63 -22.11 -20.64
C GLU A 150 -10.13 -23.45 -20.09
N LEU A 151 -9.88 -23.49 -18.78
CA LEU A 151 -9.40 -24.67 -18.08
C LEU A 151 -10.54 -25.63 -17.75
N PHE A 152 -11.77 -25.19 -17.96
CA PHE A 152 -12.91 -26.00 -17.59
C PHE A 152 -13.40 -26.72 -18.84
N ASP A 153 -13.52 -28.04 -18.72
CA ASP A 153 -14.10 -28.89 -19.74
C ASP A 153 -15.57 -29.07 -19.43
N THR A 154 -16.45 -28.61 -20.31
CA THR A 154 -17.89 -28.70 -20.02
C THR A 154 -18.51 -30.11 -20.11
N ASN A 155 -17.71 -31.09 -20.53
CA ASN A 155 -18.10 -32.49 -20.49
C ASN A 155 -17.88 -33.06 -19.11
N ASP A 156 -17.14 -32.31 -18.27
CA ASP A 156 -16.79 -32.73 -16.92
C ASP A 156 -17.58 -32.00 -15.86
N THR A 157 -18.05 -32.74 -14.88
CA THR A 157 -18.56 -32.18 -13.66
C THR A 157 -17.53 -31.23 -12.99
N LEU A 158 -18.02 -30.12 -12.47
CA LEU A 158 -17.20 -29.22 -11.64
C LEU A 158 -17.30 -29.72 -10.22
N PRO A 159 -16.18 -30.13 -9.64
CA PRO A 159 -16.16 -30.46 -8.21
C PRO A 159 -16.00 -29.17 -7.37
N VAL A 160 -16.64 -29.16 -6.22
CA VAL A 160 -16.51 -28.03 -5.33
C VAL A 160 -16.15 -28.65 -4.00
N PHE A 161 -15.21 -28.07 -3.28
CA PHE A 161 -14.87 -28.57 -1.98
C PHE A 161 -15.19 -27.44 -1.01
N THR A 162 -16.00 -27.79 -0.01
CA THR A 162 -16.39 -26.84 0.98
C THR A 162 -16.47 -27.52 2.35
N SER A 163 -16.25 -26.77 3.42
CA SER A 163 -16.51 -27.30 4.75
C SER A 163 -18.02 -27.25 4.99
N ASN A 164 -18.48 -27.86 6.08
CA ASN A 164 -19.91 -28.02 6.27
C ASN A 164 -20.51 -26.87 7.07
N SER A 165 -19.70 -25.86 7.35
CA SER A 165 -20.24 -24.60 7.87
C SER A 165 -21.27 -24.04 6.90
N GLY A 166 -22.43 -23.62 7.39
CA GLY A 166 -23.52 -23.16 6.54
C GLY A 166 -23.10 -22.02 5.61
N ARG A 167 -22.53 -20.97 6.19
CA ARG A 167 -22.09 -19.79 5.44
C ARG A 167 -21.03 -20.18 4.39
N VAL A 168 -20.11 -21.09 4.74
CA VAL A 168 -19.05 -21.52 3.85
C VAL A 168 -19.65 -22.30 2.66
N TYR A 169 -20.57 -23.19 3.03
CA TYR A 169 -21.19 -24.04 2.07
C TYR A 169 -22.00 -23.19 1.10
N GLN A 170 -22.68 -22.20 1.65
CA GLN A 170 -23.53 -21.34 0.83
C GLN A 170 -22.66 -20.51 -0.12
N THR A 171 -21.55 -20.02 0.37
CA THR A 171 -20.59 -19.34 -0.45
C THR A 171 -20.23 -20.20 -1.65
N SER A 172 -19.95 -21.49 -1.40
CA SER A 172 -19.41 -22.36 -2.43
C SER A 172 -20.44 -22.47 -3.52
N GLN A 173 -21.70 -22.48 -3.13
CA GLN A 173 -22.84 -22.66 -4.04
C GLN A 173 -23.10 -21.42 -4.83
N TYR A 174 -23.00 -20.25 -4.20
CA TYR A 174 -23.16 -19.03 -4.96
C TYR A 174 -22.01 -18.85 -5.94
N PHE A 175 -20.79 -19.17 -5.52
CA PHE A 175 -19.67 -19.12 -6.37
C PHE A 175 -19.87 -20.06 -7.57
N ALA A 176 -20.24 -21.31 -7.32
CA ALA A 176 -20.41 -22.31 -8.36
C ALA A 176 -21.49 -21.87 -9.31
N ARG A 177 -22.54 -21.23 -8.77
CA ARG A 177 -23.59 -20.71 -9.60
C ARG A 177 -23.11 -19.55 -10.46
N GLY A 178 -22.29 -18.67 -9.88
CA GLY A 178 -21.74 -17.62 -10.69
C GLY A 178 -20.89 -18.25 -11.79
N PHE A 179 -20.12 -19.28 -11.41
CA PHE A 179 -19.14 -19.87 -12.29
C PHE A 179 -19.80 -20.57 -13.47
N MET A 180 -20.88 -21.28 -13.19
CA MET A 180 -21.53 -22.17 -14.14
C MET A 180 -22.63 -21.48 -14.89
N GLY A 181 -23.09 -20.34 -14.37
CA GLY A 181 -24.19 -19.62 -14.99
C GLY A 181 -25.38 -20.50 -15.30
N ASP A 182 -25.91 -20.42 -16.53
CA ASP A 182 -27.11 -21.20 -16.84
C ASP A 182 -26.85 -22.72 -17.07
N ASP A 183 -25.61 -23.14 -16.87
CA ASP A 183 -25.23 -24.55 -16.92
C ASP A 183 -25.23 -25.20 -15.55
N PHE A 184 -25.50 -24.42 -14.51
CA PHE A 184 -25.44 -24.92 -13.16
C PHE A 184 -26.59 -25.87 -12.90
N SER A 185 -26.29 -27.03 -12.33
CA SER A 185 -27.28 -28.05 -11.95
C SER A 185 -26.57 -29.04 -11.04
N ASN A 186 -27.34 -29.94 -10.43
CA ASN A 186 -26.74 -30.98 -9.58
C ASN A 186 -25.98 -31.99 -10.39
N ASP A 187 -26.17 -31.96 -11.71
CA ASP A 187 -25.34 -32.77 -12.60
C ASP A 187 -24.01 -32.14 -13.00
N THR A 188 -23.99 -30.83 -13.23
CA THR A 188 -22.74 -30.20 -13.69
C THR A 188 -21.80 -29.82 -12.57
N VAL A 189 -22.30 -29.80 -11.34
CA VAL A 189 -21.47 -29.45 -10.18
C VAL A 189 -21.65 -30.52 -9.14
N LYS A 190 -20.56 -31.00 -8.58
CA LYS A 190 -20.68 -31.92 -7.49
C LYS A 190 -19.92 -31.32 -6.32
N THR A 191 -20.66 -31.08 -5.24
CA THR A 191 -20.07 -30.46 -4.07
C THR A 191 -19.70 -31.52 -3.05
N ASN A 192 -18.48 -31.43 -2.58
CA ASN A 192 -17.95 -32.29 -1.55
C ASN A 192 -17.86 -31.50 -0.28
N ILE A 193 -18.68 -31.89 0.67
CA ILE A 193 -18.81 -31.20 1.92
C ILE A 193 -17.94 -31.97 2.87
N ILE A 194 -16.89 -31.33 3.34
CA ILE A 194 -15.87 -31.96 4.14
C ILE A 194 -16.11 -31.48 5.55
N SER A 195 -16.37 -32.44 6.41
CA SER A 195 -16.80 -32.16 7.74
C SER A 195 -15.72 -31.41 8.51
N GLU A 196 -16.17 -30.54 9.41
CA GLU A 196 -15.27 -29.85 10.31
C GLU A 196 -14.95 -30.65 11.59
N ASP A 197 -15.57 -31.82 11.70
CA ASP A 197 -15.24 -32.77 12.75
C ASP A 197 -13.74 -33.00 12.86
N ALA A 198 -13.27 -32.91 14.10
CA ALA A 198 -11.91 -33.24 14.44
C ALA A 198 -11.47 -34.63 13.98
N ASP A 199 -12.42 -35.57 13.81
CA ASP A 199 -12.03 -36.95 13.39
C ASP A 199 -11.60 -36.99 11.93
N MET A 200 -11.69 -35.85 11.24
CA MET A 200 -11.31 -35.75 9.84
C MET A 200 -9.80 -35.64 9.75
N GLY A 201 -9.16 -35.32 10.88
CA GLY A 201 -7.75 -35.07 10.93
C GLY A 201 -7.35 -34.08 9.85
N ALA A 202 -6.32 -34.45 9.09
CA ALA A 202 -5.76 -33.62 8.07
C ALA A 202 -6.57 -33.67 6.78
N ASN A 203 -7.51 -34.61 6.70
CA ASN A 203 -8.32 -34.73 5.50
C ASN A 203 -9.53 -33.83 5.62
N SER A 204 -9.27 -32.53 5.53
CA SER A 204 -10.14 -31.51 6.10
C SER A 204 -9.82 -30.18 5.43
N LEU A 205 -10.84 -29.35 5.26
CA LEU A 205 -10.64 -27.94 4.90
C LEU A 205 -10.46 -27.10 6.15
N THR A 206 -10.64 -27.74 7.30
CA THR A 206 -10.41 -27.11 8.60
C THR A 206 -9.51 -28.01 9.46
N PRO A 207 -8.28 -28.28 9.01
CA PRO A 207 -7.40 -29.22 9.74
C PRO A 207 -7.06 -28.79 11.16
N ARG A 208 -7.23 -27.51 11.49
CA ARG A 208 -7.00 -27.10 12.87
C ARG A 208 -7.96 -27.82 13.83
N ASP A 209 -9.12 -28.25 13.34
CA ASP A 209 -10.15 -28.88 14.15
C ASP A 209 -9.66 -30.23 14.74
N GLY A 210 -8.95 -31.00 13.92
CA GLY A 210 -8.35 -32.25 14.34
C GLY A 210 -6.97 -32.09 14.97
N CYS A 211 -6.49 -30.85 15.11
CA CYS A 211 -5.20 -30.68 15.74
C CYS A 211 -5.38 -30.43 17.21
N PHE A 212 -5.10 -31.45 18.02
CA PHE A 212 -5.40 -31.40 19.47
C PHE A 212 -4.42 -30.57 20.25
N ASN A 213 -3.17 -30.51 19.80
CA ASN A 213 -2.14 -29.71 20.48
C ASN A 213 -2.11 -28.24 20.08
N TYR A 214 -2.98 -27.86 19.17
CA TYR A 214 -3.09 -26.49 18.72
C TYR A 214 -3.93 -25.72 19.71
N ASN A 215 -3.32 -24.72 20.33
CA ASN A 215 -4.05 -23.85 21.21
C ASN A 215 -4.10 -22.44 20.60
N GLU A 216 -5.25 -22.08 20.02
CA GLU A 216 -5.39 -20.76 19.39
C GLU A 216 -5.20 -19.65 20.40
N ASN A 217 -5.49 -19.96 21.66
CA ASN A 217 -5.34 -18.97 22.72
C ASN A 217 -4.02 -18.99 23.47
N ALA A 218 -3.07 -19.77 22.96
CA ALA A 218 -1.76 -19.89 23.61
C ALA A 218 -1.10 -18.54 23.88
N ASN A 219 -1.37 -17.54 23.05
CA ASN A 219 -0.60 -16.30 23.13
C ASN A 219 -1.41 -15.10 23.57
N THR A 220 -2.56 -15.35 24.18
CA THR A 220 -3.45 -14.26 24.55
C THR A 220 -2.80 -13.23 25.46
N ALA A 221 -1.97 -13.65 26.41
CA ALA A 221 -1.34 -12.72 27.36
C ALA A 221 -0.39 -11.73 26.68
N ILE A 222 0.36 -12.20 25.68
CA ILE A 222 1.16 -11.35 24.79
C ILE A 222 0.27 -10.34 24.08
N VAL A 223 -0.75 -10.86 23.42
CA VAL A 223 -1.67 -10.02 22.64
C VAL A 223 -2.30 -8.93 23.51
N ASP A 224 -2.65 -9.30 24.73
CA ASP A 224 -3.30 -8.39 25.67
C ASP A 224 -2.38 -7.27 26.19
N GLU A 225 -1.08 -7.39 25.98
CA GLU A 225 -0.16 -6.30 26.26
C GLU A 225 -0.36 -5.06 25.40
N TYR A 226 -0.92 -5.24 24.20
CA TYR A 226 -1.13 -4.11 23.29
C TYR A 226 -2.10 -3.08 23.90
N THR A 227 -1.78 -1.81 23.74
CA THR A 227 -2.55 -0.71 24.32
C THR A 227 -4.07 -0.80 24.12
N THR A 228 -4.83 -0.44 25.15
CA THR A 228 -6.29 -0.32 25.10
C THR A 228 -6.67 1.12 25.43
N GLU A 229 -5.68 1.98 25.58
CA GLU A 229 -5.91 3.37 25.96
C GLU A 229 -6.85 4.09 24.99
N TYR A 230 -6.77 3.76 23.72
CA TYR A 230 -7.61 4.40 22.73
C TYR A 230 -9.08 4.10 23.03
N LEU A 231 -9.35 2.95 23.66
CA LEU A 231 -10.71 2.57 24.05
C LEU A 231 -11.22 3.48 25.15
N THR A 232 -10.36 3.75 26.13
CA THR A 232 -10.69 4.64 27.21
C THR A 232 -10.95 6.04 26.68
N LYS A 233 -10.11 6.49 25.75
CA LYS A 233 -10.28 7.82 25.21
C LYS A 233 -11.58 7.89 24.43
N ALA A 234 -11.88 6.84 23.66
CA ALA A 234 -13.09 6.86 22.86
C ALA A 234 -14.28 6.94 23.83
N LEU A 235 -14.31 6.02 24.82
CA LEU A 235 -15.31 6.01 25.87
C LEU A 235 -15.48 7.36 26.56
N ASN A 236 -14.39 7.95 27.00
CA ASN A 236 -14.46 9.27 27.65
C ASN A 236 -15.05 10.28 26.74
N ARG A 237 -14.80 10.18 25.44
CA ARG A 237 -15.42 11.10 24.49
C ARG A 237 -16.94 10.91 24.45
N PHE A 238 -17.37 9.66 24.48
CA PHE A 238 -18.79 9.30 24.44
C PHE A 238 -19.44 9.80 25.72
N LYS A 239 -18.73 9.64 26.83
CA LYS A 239 -19.25 10.07 28.15
C LYS A 239 -19.36 11.57 28.23
N ALA A 240 -18.39 12.28 27.63
CA ALA A 240 -18.33 13.73 27.68
C ALA A 240 -19.58 14.37 27.08
N SER A 241 -20.09 13.74 26.04
CA SER A 241 -21.27 14.21 25.34
C SER A 241 -22.52 13.60 25.97
N ASN A 242 -22.35 12.51 26.72
CA ASN A 242 -23.46 11.75 27.28
C ASN A 242 -23.16 11.40 28.73
N PRO A 243 -23.35 12.37 29.63
CA PRO A 243 -23.01 12.18 31.06
C PRO A 243 -23.74 11.00 31.66
N GLY A 244 -23.00 10.11 32.31
CA GLY A 244 -23.61 8.98 33.00
C GLY A 244 -23.81 7.77 32.11
N LEU A 245 -23.45 7.91 30.82
CA LEU A 245 -23.48 6.77 29.90
C LEU A 245 -22.67 5.61 30.47
N ASN A 246 -23.33 4.48 30.66
CA ASN A 246 -22.70 3.38 31.37
C ASN A 246 -22.35 2.21 30.43
N ILE A 247 -21.23 2.35 29.73
CA ILE A 247 -20.68 1.26 28.94
C ILE A 247 -19.20 1.18 29.24
N THR A 248 -18.64 0.02 28.92
CA THR A 248 -17.22 -0.25 29.15
C THR A 248 -16.37 -0.11 27.88
N GLU A 249 -15.07 -0.17 28.10
CA GLU A 249 -14.05 -0.24 27.08
C GLU A 249 -14.26 -1.46 26.21
N ASP A 250 -14.62 -2.58 26.84
CA ASP A 250 -15.06 -3.82 26.21
C ASP A 250 -16.22 -3.61 25.25
N ASP A 251 -17.23 -2.86 25.68
CA ASP A 251 -18.35 -2.48 24.85
C ASP A 251 -17.92 -1.70 23.61
N VAL A 252 -17.11 -0.66 23.84
CA VAL A 252 -16.55 0.19 22.82
C VAL A 252 -15.75 -0.67 21.83
N SER A 253 -14.94 -1.57 22.34
CA SER A 253 -14.19 -2.46 21.49
C SER A 253 -15.08 -3.30 20.57
N ASN A 254 -16.25 -3.71 21.07
CA ASN A 254 -17.24 -4.44 20.31
C ASN A 254 -17.99 -3.60 19.31
N LEU A 255 -17.91 -2.29 19.46
CA LEU A 255 -18.65 -1.44 18.57
C LEU A 255 -17.95 -1.36 17.22
N PHE A 256 -16.65 -1.67 17.21
CA PHE A 256 -15.92 -1.84 15.92
C PHE A 256 -16.48 -2.98 15.11
N GLY A 257 -16.64 -4.15 15.71
CA GLY A 257 -17.30 -5.27 15.02
C GLY A 257 -18.75 -4.93 14.67
N TYR A 258 -19.43 -4.25 15.58
CA TYR A 258 -20.80 -3.86 15.36
C TYR A 258 -20.86 -3.02 14.07
N CYS A 259 -19.98 -2.02 13.98
CA CYS A 259 -19.80 -1.21 12.78
C CYS A 259 -19.58 -2.11 11.53
N ALA A 260 -18.61 -3.02 11.63
CA ALA A 260 -18.27 -3.91 10.50
C ALA A 260 -19.47 -4.73 10.10
N TYR A 261 -20.15 -5.34 11.09
CA TYR A 261 -21.36 -6.09 10.82
C TYR A 261 -22.56 -5.33 10.37
N GLU A 262 -22.83 -4.15 10.93
CA GLU A 262 -23.95 -3.37 10.48
C GLU A 262 -23.73 -2.89 9.03
N LEU A 263 -22.48 -2.54 8.74
CA LEU A 263 -22.07 -2.27 7.36
C LEU A 263 -22.40 -3.47 6.44
N ASN A 264 -21.93 -4.67 6.79
CA ASN A 264 -22.28 -5.89 6.05
C ASN A 264 -23.79 -6.03 5.89
N VAL A 265 -24.50 -5.88 6.98
CA VAL A 265 -25.93 -6.17 6.98
C VAL A 265 -26.78 -5.11 6.30
N LYS A 266 -26.50 -3.86 6.61
CA LYS A 266 -27.33 -2.72 6.20
C LYS A 266 -26.75 -1.95 5.03
N GLY A 267 -25.44 -2.06 4.81
CA GLY A 267 -24.80 -1.35 3.71
C GLY A 267 -24.26 -0.02 4.15
N ALA A 268 -24.43 0.30 5.43
CA ALA A 268 -24.01 1.54 6.08
C ALA A 268 -24.23 1.40 7.56
N SER A 269 -23.34 1.96 8.34
CA SER A 269 -23.51 1.88 9.77
C SER A 269 -23.21 3.22 10.42
N PRO A 270 -24.20 3.80 11.09
CA PRO A 270 -23.94 4.96 11.94
C PRO A 270 -22.89 4.65 12.99
N MET A 271 -22.73 3.41 13.36
CA MET A 271 -21.81 3.03 14.42
C MET A 271 -20.37 3.18 13.94
N CYS A 272 -20.18 3.05 12.62
CA CYS A 272 -18.87 3.34 12.00
C CYS A 272 -18.47 4.81 12.16
N ASP A 273 -19.44 5.67 12.42
CA ASP A 273 -19.13 7.11 12.52
C ASP A 273 -18.62 7.60 13.82
N ILE A 274 -18.49 6.71 14.80
CA ILE A 274 -18.19 7.17 16.17
C ILE A 274 -16.69 7.12 16.45
N PHE A 275 -15.92 6.56 15.52
CA PHE A 275 -14.48 6.42 15.77
C PHE A 275 -13.63 7.30 14.86
N THR A 276 -12.48 7.69 15.38
CA THR A 276 -11.48 8.40 14.60
C THR A 276 -10.65 7.39 13.85
N ASN A 277 -9.99 7.82 12.77
CA ASN A 277 -9.05 6.95 12.04
C ASN A 277 -8.03 6.34 12.98
N GLU A 278 -7.55 7.15 13.91
CA GLU A 278 -6.52 6.70 14.82
C GLU A 278 -7.03 5.54 15.72
N GLU A 279 -8.32 5.53 16.05
CA GLU A 279 -8.88 4.45 16.84
C GLU A 279 -9.06 3.21 15.99
N PHE A 280 -9.56 3.36 14.78
CA PHE A 280 -9.68 2.23 13.87
C PHE A 280 -8.34 1.58 13.64
N ILE A 281 -7.30 2.38 13.46
CA ILE A 281 -5.97 1.83 13.17
C ILE A 281 -5.42 1.01 14.34
N GLN A 282 -5.69 1.46 15.56
CA GLN A 282 -5.24 0.71 16.74
C GLN A 282 -6.11 -0.49 16.95
N TYR A 283 -7.43 -0.31 16.78
CA TYR A 283 -8.29 -1.47 16.76
C TYR A 283 -7.78 -2.51 15.75
N SER A 284 -7.54 -2.06 14.51
CA SER A 284 -7.10 -2.94 13.44
C SER A 284 -5.87 -3.71 13.84
N TYR A 285 -4.94 -3.03 14.52
CA TYR A 285 -3.69 -3.69 14.85
C TYR A 285 -3.89 -4.69 15.98
N SER A 286 -4.86 -4.43 16.88
CA SER A 286 -5.19 -5.42 17.92
C SER A 286 -5.68 -6.73 17.31
N VAL A 287 -6.43 -6.61 16.22
CA VAL A 287 -6.88 -7.76 15.45
C VAL A 287 -5.72 -8.40 14.71
N ASP A 288 -4.87 -7.62 14.07
CA ASP A 288 -3.71 -8.23 13.43
C ASP A 288 -2.90 -9.05 14.45
N LEU A 289 -2.72 -8.51 15.66
CA LEU A 289 -1.97 -9.15 16.71
C LEU A 289 -2.63 -10.44 17.14
N ASP A 290 -3.88 -10.35 17.54
CA ASP A 290 -4.62 -11.52 17.90
C ASP A 290 -4.54 -12.60 16.81
N ASP A 291 -4.80 -12.24 15.56
CA ASP A 291 -4.76 -13.26 14.51
C ASP A 291 -3.37 -13.71 14.17
N TYR A 292 -2.39 -12.82 14.26
CA TYR A 292 -1.03 -13.26 14.01
C TYR A 292 -0.63 -14.33 15.04
N TYR A 293 -0.94 -14.09 16.31
CA TYR A 293 -0.50 -14.96 17.39
C TYR A 293 -1.36 -16.20 17.61
N SER A 294 -2.56 -16.17 17.07
CA SER A 294 -3.48 -17.28 17.17
C SER A 294 -3.51 -18.13 15.93
N ASN A 295 -3.54 -17.47 14.76
CA ASN A 295 -3.80 -18.17 13.50
C ASN A 295 -2.64 -18.18 12.52
N SER A 296 -1.54 -17.56 12.90
CA SER A 296 -0.41 -17.46 12.01
C SER A 296 0.89 -17.83 12.73
N ALA A 297 2.01 -17.36 12.23
CA ALA A 297 3.32 -17.80 12.67
C ALA A 297 3.65 -17.46 14.13
N GLY A 298 2.84 -16.62 14.75
CA GLY A 298 2.96 -16.33 16.18
C GLY A 298 2.68 -17.59 16.98
N ASN A 299 1.84 -18.46 16.44
CA ASN A 299 1.49 -19.70 17.11
C ASN A 299 2.28 -20.86 16.48
N ASN A 300 3.07 -21.56 17.32
CA ASN A 300 3.98 -22.61 16.85
C ASN A 300 3.27 -23.77 16.12
N MET A 301 1.96 -23.89 16.30
CA MET A 301 1.25 -25.04 15.73
C MET A 301 0.71 -24.84 14.34
N THR A 302 0.66 -23.60 13.87
CA THR A 302 -0.02 -23.30 12.59
C THR A 302 0.74 -23.74 11.37
N ARG A 303 2.07 -23.71 11.44
CA ARG A 303 2.79 -24.18 10.31
C ARG A 303 2.49 -25.64 10.02
N VAL A 304 2.43 -26.49 11.07
CA VAL A 304 2.12 -27.92 10.84
C VAL A 304 0.71 -28.08 10.26
N ILE A 305 -0.25 -27.38 10.86
CA ILE A 305 -1.64 -27.40 10.37
C ILE A 305 -1.76 -26.84 8.95
N GLY A 306 -1.20 -25.64 8.71
CA GLY A 306 -1.24 -25.02 7.38
C GLY A 306 -0.62 -25.87 6.28
N SER A 307 0.40 -26.65 6.64
CA SER A 307 1.17 -27.46 5.69
C SER A 307 0.37 -28.59 5.08
N THR A 308 -0.75 -28.93 5.71
CA THR A 308 -1.58 -29.98 5.16
C THR A 308 -2.16 -29.55 3.84
N LEU A 309 -2.77 -28.35 3.81
CA LEU A 309 -3.28 -27.80 2.55
C LEU A 309 -2.17 -27.36 1.63
N LEU A 310 -1.03 -26.93 2.16
CA LEU A 310 0.08 -26.55 1.28
C LEU A 310 0.61 -27.76 0.51
N ASN A 311 0.78 -28.89 1.21
CA ASN A 311 1.16 -30.20 0.59
C ASN A 311 0.18 -30.68 -0.46
N ALA A 312 -1.10 -30.66 -0.11
CA ALA A 312 -2.18 -31.11 -0.97
C ALA A 312 -2.23 -30.30 -2.25
N SER A 313 -2.19 -28.97 -2.10
CA SER A 313 -2.09 -28.04 -3.21
C SER A 313 -0.90 -28.32 -4.11
N LEU A 314 0.24 -28.64 -3.49
CA LEU A 314 1.46 -28.98 -4.24
C LEU A 314 1.29 -30.30 -4.99
N GLU A 315 0.71 -31.32 -4.34
CA GLU A 315 0.35 -32.57 -5.01
C GLU A 315 -0.51 -32.28 -6.24
N LEU A 316 -1.46 -31.37 -6.11
CA LEU A 316 -2.29 -31.00 -7.27
C LEU A 316 -1.48 -30.35 -8.39
N LEU A 317 -0.54 -29.48 -8.04
CA LEU A 317 0.24 -28.74 -9.08
C LEU A 317 1.21 -29.68 -9.79
N ASN A 318 1.69 -30.67 -9.03
CA ASN A 318 2.66 -31.64 -9.52
C ASN A 318 2.02 -32.62 -10.45
N HIS A 319 0.71 -32.80 -10.33
CA HIS A 319 0.03 -33.79 -11.12
C HIS A 319 -0.66 -33.23 -12.36
N ASP A 320 0.14 -33.05 -13.42
CA ASP A 320 -0.25 -32.72 -14.80
C ASP A 320 -1.52 -33.29 -15.37
N LYS A 321 -1.81 -34.55 -15.06
CA LYS A 321 -2.72 -35.36 -15.88
C LYS A 321 -4.13 -35.46 -15.36
N ASN A 322 -4.40 -34.88 -14.20
CA ASN A 322 -5.76 -34.88 -13.69
C ASN A 322 -6.64 -34.17 -14.70
N GLU A 323 -7.76 -34.78 -15.09
CA GLU A 323 -8.69 -34.16 -16.04
C GLU A 323 -9.20 -32.84 -15.45
N ASN A 324 -9.21 -32.75 -14.12
CA ASN A 324 -9.71 -31.56 -13.48
C ASN A 324 -8.59 -30.58 -13.17
N LYS A 325 -8.80 -29.36 -13.65
CA LYS A 325 -7.77 -28.33 -13.58
C LYS A 325 -8.19 -27.16 -12.66
N ILE A 326 -9.43 -27.17 -12.19
CA ILE A 326 -9.96 -26.07 -11.41
C ILE A 326 -10.35 -26.58 -10.04
N TRP A 327 -9.60 -26.12 -9.04
CA TRP A 327 -9.79 -26.53 -7.66
C TRP A 327 -10.46 -25.38 -6.91
N LEU A 328 -11.62 -25.66 -6.35
CA LEU A 328 -12.45 -24.70 -5.66
C LEU A 328 -12.72 -25.18 -4.24
N SER A 329 -12.09 -24.51 -3.28
CA SER A 329 -12.16 -24.87 -1.86
C SER A 329 -12.62 -23.66 -1.08
N PHE A 330 -13.54 -23.92 -0.16
CA PHE A 330 -14.25 -22.91 0.61
C PHE A 330 -14.16 -23.29 2.06
N THR A 331 -13.74 -22.35 2.90
CA THR A 331 -13.50 -22.62 4.29
C THR A 331 -13.51 -21.29 5.06
N HIS A 332 -12.96 -21.22 6.28
CA HIS A 332 -13.05 -20.03 7.09
C HIS A 332 -11.78 -19.19 6.98
N ASP A 333 -11.82 -17.97 7.50
CA ASP A 333 -10.64 -17.14 7.51
C ASP A 333 -9.50 -17.82 8.26
N THR A 334 -9.86 -18.47 9.36
CA THR A 334 -8.89 -19.10 10.24
C THR A 334 -8.11 -20.16 9.50
N ASP A 335 -8.77 -20.88 8.62
CA ASP A 335 -8.13 -21.99 7.94
C ASP A 335 -7.23 -21.47 6.86
N ILE A 336 -7.68 -20.40 6.23
CA ILE A 336 -6.91 -19.73 5.22
C ILE A 336 -5.72 -19.02 5.84
N GLU A 337 -5.91 -18.49 7.06
CA GLU A 337 -4.79 -17.84 7.75
C GLU A 337 -3.72 -18.84 8.11
N ILE A 338 -4.15 -19.95 8.69
CA ILE A 338 -3.24 -21.02 9.04
C ILE A 338 -2.59 -21.59 7.78
N PHE A 339 -3.36 -21.80 6.74
CA PHE A 339 -2.82 -22.14 5.42
C PHE A 339 -1.67 -21.19 5.06
N HIS A 340 -1.91 -19.88 5.15
CA HIS A 340 -0.89 -18.84 4.87
C HIS A 340 0.28 -18.84 5.80
N SER A 341 0.07 -19.29 7.02
CA SER A 341 1.20 -19.53 7.93
C SER A 341 2.21 -20.49 7.26
N ALA A 342 1.70 -21.50 6.56
CA ALA A 342 2.59 -22.39 5.85
C ALA A 342 2.98 -21.85 4.47
N ILE A 343 2.07 -21.23 3.73
CA ILE A 343 2.43 -20.59 2.43
C ILE A 343 3.58 -19.64 2.59
N GLY A 344 3.51 -18.80 3.62
CA GLY A 344 4.64 -17.96 3.95
C GLY A 344 4.93 -16.78 3.05
N ILE A 345 3.95 -16.33 2.28
CA ILE A 345 4.17 -15.14 1.45
C ILE A 345 3.68 -13.82 2.07
N LEU A 346 2.82 -13.92 3.06
CA LEU A 346 2.33 -12.71 3.72
C LEU A 346 2.64 -12.72 5.22
N ILE A 347 3.69 -13.47 5.56
CA ILE A 347 4.12 -13.68 6.95
C ILE A 347 5.37 -12.85 7.27
N PRO A 348 5.34 -12.07 8.34
CA PRO A 348 6.51 -11.26 8.72
C PRO A 348 7.63 -12.19 9.20
N ASP A 349 8.89 -11.71 9.12
CA ASP A 349 10.05 -12.49 9.59
C ASP A 349 10.04 -12.71 11.08
N GLU A 350 9.54 -11.70 11.79
CA GLU A 350 9.50 -11.73 13.24
C GLU A 350 8.07 -11.54 13.78
N ASP A 351 7.89 -11.99 15.02
CA ASP A 351 6.69 -11.80 15.76
C ASP A 351 6.36 -10.33 15.88
N LEU A 352 5.07 -10.03 15.88
CA LEU A 352 4.57 -8.67 15.91
C LEU A 352 4.86 -8.04 17.25
N PRO A 353 5.23 -6.76 17.26
CA PRO A 353 5.42 -6.07 18.52
C PRO A 353 4.07 -5.78 19.14
N VAL A 354 4.05 -5.62 20.47
CA VAL A 354 2.85 -5.30 21.22
C VAL A 354 2.98 -3.95 21.91
N ASP A 355 4.20 -3.46 22.03
CA ASP A 355 4.44 -2.31 22.91
C ASP A 355 4.39 -1.01 22.13
N TYR A 356 4.13 -1.10 20.83
CA TYR A 356 3.81 0.08 20.06
C TYR A 356 3.00 -0.35 18.85
N THR A 357 2.55 0.61 18.05
CA THR A 357 1.83 0.33 16.82
C THR A 357 2.79 0.50 15.64
N PRO A 358 3.10 -0.62 14.98
CA PRO A 358 3.94 -0.58 13.78
C PRO A 358 3.16 -0.08 12.58
N PHE A 359 3.87 0.54 11.65
CA PHE A 359 3.34 1.00 10.40
C PHE A 359 4.34 0.58 9.31
N PRO A 360 3.91 -0.28 8.38
CA PRO A 360 2.55 -0.85 8.38
C PRO A 360 2.52 -1.98 9.41
N SER A 361 1.37 -2.60 9.62
CA SER A 361 1.33 -3.81 10.40
C SER A 361 2.13 -4.87 9.63
N PRO A 362 3.12 -5.50 10.26
CA PRO A 362 3.96 -6.50 9.59
C PRO A 362 3.15 -7.70 9.13
N TYR A 363 1.96 -7.83 9.70
CA TYR A 363 1.08 -8.88 9.32
C TYR A 363 -0.31 -8.30 9.18
N SER A 364 -0.86 -8.35 7.98
CA SER A 364 -2.12 -7.66 7.76
C SER A 364 -3.20 -8.72 7.62
N HIS A 365 -3.95 -8.89 8.68
CA HIS A 365 -4.96 -9.92 8.63
C HIS A 365 -5.96 -9.75 7.46
N VAL A 366 -6.48 -8.53 7.32
CA VAL A 366 -7.46 -8.20 6.26
C VAL A 366 -6.88 -8.28 4.82
N GLY A 367 -5.55 -8.20 4.69
CA GLY A 367 -4.89 -8.38 3.40
C GLY A 367 -5.01 -9.84 2.97
N ILE A 368 -5.26 -10.72 3.95
CA ILE A 368 -5.29 -12.15 3.71
C ILE A 368 -6.73 -12.64 3.70
N THR A 369 -7.47 -12.34 4.77
CA THR A 369 -8.83 -12.84 4.90
C THR A 369 -9.88 -11.77 5.18
N PRO A 370 -10.21 -10.94 4.20
CA PRO A 370 -11.37 -10.09 4.31
C PRO A 370 -12.55 -11.04 4.17
N GLN A 371 -13.76 -10.57 4.41
CA GLN A 371 -14.94 -11.39 4.10
C GLN A 371 -14.85 -11.65 2.61
N GLY A 372 -15.12 -12.90 2.19
CA GLY A 372 -15.07 -13.23 0.78
C GLY A 372 -13.62 -13.37 0.32
N ALA A 373 -12.70 -13.57 1.27
CA ALA A 373 -11.28 -13.78 0.96
C ALA A 373 -11.07 -14.84 -0.13
N ARG A 374 -10.08 -14.60 -0.99
CA ARG A 374 -9.77 -15.50 -2.06
C ARG A 374 -8.27 -15.67 -2.14
N THR A 375 -7.81 -16.89 -1.94
CA THR A 375 -6.42 -17.18 -2.17
C THR A 375 -6.39 -18.05 -3.40
N ILE A 376 -5.72 -17.58 -4.43
CA ILE A 376 -5.67 -18.31 -5.68
C ILE A 376 -4.20 -18.67 -6.02
N ILE A 377 -4.00 -19.93 -6.38
CA ILE A 377 -2.78 -20.35 -7.07
C ILE A 377 -3.06 -20.56 -8.55
N GLU A 378 -2.35 -19.84 -9.41
CA GLU A 378 -2.43 -20.01 -10.85
C GLU A 378 -1.20 -20.78 -11.23
N LYS A 379 -1.34 -21.70 -12.18
CA LYS A 379 -0.23 -22.44 -12.71
C LYS A 379 -0.33 -22.26 -14.19
N TYR A 380 0.75 -21.85 -14.83
CA TYR A 380 0.72 -21.67 -16.26
C TYR A 380 2.07 -22.00 -16.89
N ALA A 381 2.00 -22.33 -18.15
CA ALA A 381 3.16 -22.79 -18.90
C ALA A 381 3.68 -21.63 -19.71
N CYS A 382 4.98 -21.42 -19.63
CA CYS A 382 5.61 -20.45 -20.48
C CYS A 382 6.76 -21.20 -21.09
N GLY A 383 6.70 -21.40 -22.41
CA GLY A 383 7.69 -22.27 -23.05
C GLY A 383 7.62 -23.70 -22.53
N ASN A 384 8.76 -24.25 -22.12
CA ASN A 384 8.78 -25.66 -21.67
C ASN A 384 8.82 -25.76 -20.15
N GLU A 385 8.50 -24.65 -19.49
CA GLU A 385 8.49 -24.56 -18.04
C GLU A 385 7.10 -24.25 -17.53
N SER A 386 6.76 -24.77 -16.36
CA SER A 386 5.52 -24.41 -15.69
C SER A 386 5.82 -23.53 -14.50
N TYR A 387 4.94 -22.55 -14.34
CA TYR A 387 5.09 -21.54 -13.30
C TYR A 387 3.86 -21.50 -12.42
N VAL A 388 4.11 -21.17 -11.16
CA VAL A 388 3.08 -21.09 -10.15
C VAL A 388 3.14 -19.69 -9.53
N ARG A 389 2.00 -19.08 -9.25
CA ARG A 389 2.02 -17.88 -8.45
C ARG A 389 0.72 -17.74 -7.66
N TYR A 390 0.78 -16.90 -6.63
CA TYR A 390 -0.35 -16.63 -5.77
C TYR A 390 -1.02 -15.30 -6.09
N VAL A 391 -2.36 -15.31 -6.12
CA VAL A 391 -3.15 -14.10 -6.22
C VAL A 391 -4.04 -14.10 -4.97
N ILE A 392 -3.72 -13.22 -4.02
CA ILE A 392 -4.44 -13.13 -2.76
C ILE A 392 -5.30 -11.88 -2.87
N ASN A 393 -6.60 -12.08 -2.76
CA ASN A 393 -7.56 -10.98 -2.85
C ASN A 393 -7.23 -10.03 -3.98
N ASP A 394 -7.05 -10.65 -5.15
CA ASP A 394 -6.91 -9.96 -6.40
C ASP A 394 -5.58 -9.26 -6.63
N ALA A 395 -4.56 -9.65 -5.87
CA ALA A 395 -3.23 -9.10 -6.04
C ALA A 395 -2.25 -10.23 -6.19
N VAL A 396 -1.32 -10.15 -7.15
CA VAL A 396 -0.29 -11.17 -7.22
C VAL A 396 0.60 -10.89 -6.06
N ILE A 397 0.86 -11.92 -5.26
CA ILE A 397 1.85 -11.84 -4.19
C ILE A 397 2.99 -12.79 -4.50
N PRO A 398 4.09 -12.28 -5.06
CA PRO A 398 5.20 -13.14 -5.39
C PRO A 398 5.81 -13.82 -4.15
N ILE A 399 6.32 -15.04 -4.35
CA ILE A 399 7.03 -15.73 -3.30
C ILE A 399 8.41 -15.15 -3.25
N LYS A 400 8.84 -14.79 -2.05
CA LYS A 400 10.17 -14.27 -1.84
C LYS A 400 11.23 -15.21 -2.44
N LYS A 401 12.03 -14.63 -3.33
CA LYS A 401 13.13 -15.31 -3.96
C LYS A 401 12.64 -16.42 -4.88
N CYS A 402 11.33 -16.51 -5.09
CA CYS A 402 10.83 -17.35 -6.17
C CYS A 402 9.86 -16.61 -7.05
N SER A 403 10.34 -15.57 -7.71
CA SER A 403 9.46 -14.70 -8.44
C SER A 403 10.12 -14.24 -9.72
N SER A 404 11.07 -15.03 -10.24
CA SER A 404 11.72 -14.61 -11.48
C SER A 404 11.04 -15.19 -12.73
N GLY A 405 10.03 -16.04 -12.56
CA GLY A 405 9.26 -16.49 -13.72
C GLY A 405 8.41 -15.36 -14.26
N PRO A 406 7.75 -15.55 -15.41
CA PRO A 406 6.84 -14.53 -15.96
C PRO A 406 5.71 -14.20 -14.97
N GLY A 407 5.33 -12.93 -14.89
CA GLY A 407 4.30 -12.48 -13.94
C GLY A 407 4.77 -12.66 -12.49
N PHE A 408 6.08 -12.62 -12.27
CA PHE A 408 6.72 -12.85 -10.96
C PHE A 408 6.36 -14.17 -10.29
N SER A 409 6.30 -15.20 -11.15
CA SER A 409 5.90 -16.53 -10.75
C SER A 409 7.10 -17.40 -10.38
N CYS A 410 6.81 -18.56 -9.83
CA CYS A 410 7.80 -19.49 -9.37
C CYS A 410 7.78 -20.75 -10.26
N ASN A 411 8.92 -21.11 -10.88
CA ASN A 411 9.00 -22.37 -11.63
C ASN A 411 8.51 -23.50 -10.74
N LEU A 412 7.64 -24.34 -11.24
CA LEU A 412 7.13 -25.42 -10.39
C LEU A 412 8.24 -26.25 -9.71
N ASN A 413 9.38 -26.40 -10.39
CA ASN A 413 10.53 -27.08 -9.80
C ASN A 413 11.03 -26.38 -8.57
N ASP A 414 11.23 -25.07 -8.68
CA ASP A 414 11.57 -24.21 -7.56
C ASP A 414 10.46 -24.14 -6.53
N TYR A 415 9.21 -24.14 -6.97
CA TYR A 415 8.09 -24.09 -6.05
C TYR A 415 8.05 -25.33 -5.16
N ASN A 416 8.44 -26.48 -5.74
CA ASN A 416 8.63 -27.72 -4.97
C ASN A 416 9.63 -27.59 -3.83
N ASP A 417 10.74 -26.92 -4.09
CA ASP A 417 11.78 -26.69 -3.09
C ASP A 417 11.28 -25.75 -1.97
N TYR A 418 10.58 -24.70 -2.39
CA TYR A 418 9.93 -23.75 -1.49
C TYR A 418 8.94 -24.47 -0.56
N VAL A 419 8.02 -25.23 -1.15
CA VAL A 419 7.06 -25.97 -0.32
C VAL A 419 7.81 -26.92 0.65
N ALA A 420 8.75 -27.71 0.12
CA ALA A 420 9.54 -28.60 0.97
C ALA A 420 10.19 -27.87 2.16
N GLU A 421 10.76 -26.68 1.89
CA GLU A 421 11.32 -25.82 2.94
C GLU A 421 10.29 -25.39 3.97
N ARG A 422 9.08 -25.05 3.47
CA ARG A 422 7.99 -24.60 4.32
C ARG A 422 7.49 -25.72 5.21
N VAL A 423 7.37 -26.91 4.64
CA VAL A 423 6.76 -28.03 5.38
C VAL A 423 7.78 -28.90 6.10
N ALA A 424 9.07 -28.61 5.89
CA ALA A 424 10.15 -29.41 6.49
C ALA A 424 9.91 -29.61 7.98
N GLY A 425 10.06 -30.86 8.42
CA GLY A 425 10.00 -31.19 9.85
C GLY A 425 8.58 -31.12 10.40
N THR A 426 7.59 -31.06 9.52
CA THR A 426 6.21 -31.10 9.99
C THR A 426 5.65 -32.50 9.89
N ASN A 427 4.75 -32.79 10.81
CA ASN A 427 4.13 -34.08 10.91
C ASN A 427 2.85 -33.84 11.63
N TYR A 428 1.76 -33.91 10.88
CA TYR A 428 0.46 -33.67 11.43
C TYR A 428 0.09 -34.59 12.59
N VAL A 429 0.13 -35.91 12.35
CA VAL A 429 -0.27 -36.92 13.32
C VAL A 429 0.49 -36.70 14.61
N GLU A 430 1.81 -36.62 14.52
CA GLU A 430 2.61 -36.52 15.73
C GLU A 430 2.53 -35.15 16.41
N GLN A 431 2.59 -34.08 15.63
CA GLN A 431 2.56 -32.75 16.25
C GLN A 431 1.17 -32.42 16.79
N CYS A 432 0.14 -32.86 16.08
CA CYS A 432 -1.24 -32.60 16.46
C CYS A 432 -1.82 -33.56 17.47
N GLY A 433 -1.24 -34.75 17.58
CA GLY A 433 -1.74 -35.80 18.49
C GLY A 433 -3.04 -36.37 17.97
N ASN A 434 -3.13 -36.55 16.66
CA ASN A 434 -4.35 -37.04 16.04
C ASN A 434 -4.00 -38.11 15.02
N ASN A 435 -4.54 -39.32 15.25
CA ASN A 435 -4.24 -40.50 14.42
C ASN A 435 -5.27 -40.87 13.36
N ASN A 436 -6.21 -39.96 13.12
CA ASN A 436 -7.13 -40.10 12.00
C ASN A 436 -6.35 -39.76 10.73
N ALA A 437 -7.03 -39.44 9.63
CA ALA A 437 -6.28 -39.10 8.39
C ALA A 437 -5.03 -38.20 8.63
N SER A 438 -3.94 -38.58 7.95
CA SER A 438 -2.66 -37.95 8.16
C SER A 438 -2.38 -36.92 7.07
N ALA A 439 -3.16 -37.00 6.01
CA ALA A 439 -2.98 -36.16 4.85
C ALA A 439 -4.34 -35.90 4.20
N VAL A 440 -4.39 -34.88 3.35
CA VAL A 440 -5.56 -34.60 2.52
C VAL A 440 -5.61 -35.66 1.42
N THR A 441 -6.79 -36.24 1.27
CA THR A 441 -7.08 -37.12 0.15
C THR A 441 -8.36 -36.68 -0.55
N PHE A 442 -9.13 -35.76 0.05
CA PHE A 442 -10.47 -35.46 -0.50
C PHE A 442 -10.44 -34.93 -1.95
N TYR A 443 -9.36 -34.27 -2.38
CA TYR A 443 -9.27 -33.82 -3.79
C TYR A 443 -9.18 -35.00 -4.78
N TRP A 444 -8.74 -36.15 -4.29
CA TRP A 444 -8.58 -37.33 -5.16
C TRP A 444 -9.60 -38.45 -4.93
N ASP A 445 -10.03 -38.65 -3.71
CA ASP A 445 -10.90 -39.77 -3.41
C ASP A 445 -12.35 -39.37 -3.24
N TYR A 446 -12.70 -38.15 -3.66
CA TYR A 446 -14.06 -37.62 -3.48
C TYR A 446 -15.10 -38.32 -4.36
N GLU A 447 -14.64 -38.98 -5.42
CA GLU A 447 -15.56 -39.76 -6.24
C GLU A 447 -15.83 -41.15 -5.66
N THR A 448 -15.02 -41.60 -4.69
CA THR A 448 -15.24 -42.89 -4.01
C THR A 448 -15.63 -42.73 -2.53
N THR A 449 -15.06 -41.73 -1.85
CA THR A 449 -15.58 -41.32 -0.55
C THR A 449 -16.74 -40.36 -0.75
N ASN A 450 -17.80 -40.58 0.00
CA ASN A 450 -18.94 -39.69 0.01
C ASN A 450 -18.66 -38.58 1.03
N TYR A 451 -18.26 -37.41 0.55
CA TYR A 451 -18.10 -36.26 1.44
C TYR A 451 -19.41 -35.51 1.51
N THR A 452 -20.20 -35.82 2.54
CA THR A 452 -21.53 -35.27 2.59
C THR A 452 -22.02 -34.84 3.97
N ALA A 453 -21.12 -34.31 4.79
CA ALA A 453 -21.47 -33.85 6.13
C ALA A 453 -22.68 -32.95 6.11
N SER A 454 -23.44 -32.97 7.19
CA SER A 454 -24.59 -32.13 7.32
C SER A 454 -24.17 -30.72 7.76
N LEU A 455 -24.90 -29.69 7.31
CA LEU A 455 -24.50 -28.31 7.57
C LEU A 455 -24.64 -27.90 9.02
N ILE A 456 -23.61 -27.25 9.55
CA ILE A 456 -23.71 -26.60 10.85
C ILE A 456 -23.83 -25.05 10.79
N ASN A 457 -24.52 -24.51 11.80
CA ASN A 457 -24.80 -23.08 11.93
C ASN A 457 -23.65 -22.35 12.62
N SER A 458 -22.46 -22.36 12.01
CA SER A 458 -21.27 -21.70 12.59
C SER A 458 -20.27 -21.14 11.56
N VAL B 1 -4.72 11.74 -31.36
CA VAL B 1 -4.78 10.44 -30.63
C VAL B 1 -6.07 10.29 -29.79
N SER B 2 -6.75 9.15 -29.94
CA SER B 2 -7.95 8.86 -29.15
C SER B 2 -7.80 9.16 -27.65
N LYS B 3 -8.83 9.78 -27.08
CA LYS B 3 -8.87 10.01 -25.63
C LYS B 3 -8.99 8.71 -24.83
N LEU B 4 -9.12 7.57 -25.51
CA LEU B 4 -9.07 6.23 -24.86
C LEU B 4 -7.67 5.73 -24.69
N ILE B 5 -6.70 6.43 -25.29
CA ILE B 5 -5.31 6.02 -25.19
C ILE B 5 -4.62 7.02 -24.26
N ASN B 6 -3.89 6.47 -23.30
CA ASN B 6 -3.06 7.24 -22.38
C ASN B 6 -3.85 8.33 -21.73
N ASN B 7 -5.02 8.02 -21.19
CA ASN B 7 -5.82 9.09 -20.68
C ASN B 7 -5.85 9.09 -19.15
N GLY B 8 -5.01 8.23 -18.58
CA GLY B 8 -4.79 8.17 -17.17
C GLY B 8 -3.46 7.54 -16.88
N LEU B 9 -3.28 7.12 -15.64
CA LEU B 9 -1.97 6.77 -15.12
C LEU B 9 -1.98 5.33 -14.65
N LEU B 10 -3.14 4.70 -14.80
CA LEU B 10 -3.32 3.38 -14.23
C LEU B 10 -3.07 2.26 -15.21
N LEU B 11 -2.21 1.35 -14.80
CA LEU B 11 -1.85 0.19 -15.59
C LEU B 11 -2.76 -0.98 -15.22
N VAL B 12 -4.06 -0.68 -15.18
CA VAL B 12 -5.10 -1.67 -14.97
C VAL B 12 -6.37 -1.17 -15.69
N GLY B 13 -7.23 -2.07 -16.09
CA GLY B 13 -8.46 -1.66 -16.70
C GLY B 13 -9.64 -1.86 -15.75
N GLN B 14 -10.83 -1.86 -16.35
CA GLN B 14 -12.07 -1.94 -15.59
C GLN B 14 -12.23 -3.30 -14.94
N GLY B 15 -11.42 -4.26 -15.40
CA GLY B 15 -11.43 -5.61 -14.91
C GLY B 15 -11.27 -5.62 -13.41
N ALA B 16 -10.64 -4.59 -12.87
CA ALA B 16 -10.37 -4.57 -11.43
C ALA B 16 -11.68 -4.58 -10.63
N TYR B 17 -12.76 -4.11 -11.26
CA TYR B 17 -14.01 -3.79 -10.52
C TYR B 17 -15.08 -4.84 -10.70
N GLN B 18 -14.79 -5.84 -11.55
CA GLN B 18 -15.85 -6.63 -12.17
C GLN B 18 -16.63 -7.50 -11.17
N ASP B 19 -16.04 -7.79 -10.02
CA ASP B 19 -16.78 -8.63 -9.10
C ASP B 19 -17.05 -7.95 -7.75
N LEU B 20 -17.07 -6.61 -7.75
CA LEU B 20 -17.22 -5.79 -6.54
C LEU B 20 -18.61 -5.21 -6.47
N ALA B 21 -19.00 -4.82 -5.27
CA ALA B 21 -20.26 -4.14 -5.03
C ALA B 21 -19.99 -2.68 -5.23
N SER B 22 -18.85 -2.24 -4.67
CA SER B 22 -18.44 -0.84 -4.71
C SER B 22 -17.07 -0.75 -5.33
N PRO B 23 -16.83 0.27 -6.16
CA PRO B 23 -15.50 0.48 -6.72
C PRO B 23 -14.49 0.76 -5.64
N GLN B 24 -14.96 1.17 -4.47
CA GLN B 24 -14.05 1.38 -3.36
C GLN B 24 -13.56 0.08 -2.74
N GLN B 25 -14.06 -1.07 -3.19
CA GLN B 25 -13.51 -2.35 -2.74
C GLN B 25 -12.26 -2.74 -3.52
N ALA B 26 -12.01 -2.00 -4.61
CA ALA B 26 -10.87 -2.23 -5.52
C ALA B 26 -9.64 -1.58 -5.01
N SER B 27 -8.53 -2.25 -5.24
CA SER B 27 -7.21 -1.62 -5.03
C SER B 27 -6.55 -1.37 -6.38
N VAL B 28 -6.63 -0.16 -6.86
CA VAL B 28 -6.07 0.13 -8.17
C VAL B 28 -4.87 1.05 -8.14
N GLU B 29 -4.61 1.62 -6.98
CA GLU B 29 -3.53 2.57 -6.81
C GLU B 29 -2.17 1.96 -7.04
N GLN B 30 -2.06 0.68 -6.70
CA GLN B 30 -0.85 -0.10 -6.89
C GLN B 30 -0.36 -0.06 -8.35
N TYR B 31 -1.28 0.20 -9.29
CA TYR B 31 -1.02 0.12 -10.74
C TYR B 31 -0.67 1.46 -11.32
N ASN B 32 -0.61 2.47 -10.46
CA ASN B 32 -0.22 3.76 -10.96
C ASN B 32 1.19 3.79 -11.55
N ILE B 33 1.25 4.10 -12.84
CA ILE B 33 2.53 4.11 -13.53
C ILE B 33 3.60 4.93 -12.84
N ILE B 34 3.22 6.07 -12.28
CA ILE B 34 4.16 6.93 -11.59
C ILE B 34 5.00 6.17 -10.57
N ARG B 35 4.38 5.22 -9.88
CA ARG B 35 5.09 4.56 -8.83
C ARG B 35 6.27 3.72 -9.38
N PHE B 36 6.27 3.47 -10.69
CA PHE B 36 7.29 2.62 -11.30
C PHE B 36 8.37 3.40 -12.00
N LEU B 37 8.20 4.72 -12.07
CA LEU B 37 9.07 5.57 -12.86
C LEU B 37 10.19 6.27 -12.08
N GLY B 38 10.41 5.83 -10.84
CA GLY B 38 11.60 6.20 -10.07
C GLY B 38 11.63 7.63 -9.60
N GLY B 39 10.47 8.27 -9.55
CA GLY B 39 10.41 9.65 -9.05
C GLY B 39 10.60 10.65 -10.17
N ALA B 40 10.74 10.16 -11.39
CA ALA B 40 10.92 11.05 -12.52
C ALA B 40 9.56 11.56 -13.01
N ALA B 41 8.52 10.73 -12.91
CA ALA B 41 7.20 11.12 -13.45
C ALA B 41 6.50 12.09 -12.46
N PRO B 42 5.24 12.48 -12.72
CA PRO B 42 4.58 13.48 -11.90
C PRO B 42 4.42 13.10 -10.43
N TYR B 43 4.06 14.12 -9.63
CA TYR B 43 3.79 13.91 -8.20
C TYR B 43 2.77 12.78 -7.98
N ILE B 44 2.98 11.97 -6.95
CA ILE B 44 1.97 11.06 -6.50
C ILE B 44 2.10 10.99 -4.98
N GLN B 45 0.94 10.91 -4.33
CA GLN B 45 0.90 10.80 -2.88
C GLN B 45 1.45 9.46 -2.41
N ASN B 46 2.08 9.46 -1.25
CA ASN B 46 2.54 8.25 -0.63
C ASN B 46 1.34 7.36 -0.37
N LYS B 47 1.51 6.06 -0.56
CA LYS B 47 0.44 5.09 -0.25
C LYS B 47 -0.18 5.30 1.12
N GLY B 48 0.64 5.52 2.14
CA GLY B 48 0.14 5.91 3.47
C GLY B 48 -0.48 4.75 4.20
N PHE B 49 -0.98 5.03 5.40
CA PHE B 49 -1.40 4.02 6.36
C PHE B 49 -2.84 4.26 6.81
N GLY B 50 -3.49 5.29 6.27
CA GLY B 50 -4.89 5.59 6.58
C GLY B 50 -5.09 6.61 7.68
N ILE B 51 -3.97 7.14 8.17
CA ILE B 51 -3.92 8.07 9.28
C ILE B 51 -4.40 9.39 8.75
N SER B 52 -5.32 9.99 9.47
CA SER B 52 -5.88 11.22 9.00
C SER B 52 -4.80 12.30 9.00
N THR B 53 -4.70 13.10 7.95
CA THR B 53 -3.64 14.14 7.93
C THR B 53 -4.07 15.40 8.64
N ASP B 54 -5.33 15.48 9.04
CA ASP B 54 -5.81 16.64 9.80
C ASP B 54 -5.08 16.65 11.10
N ILE B 55 -4.91 17.85 11.62
CA ILE B 55 -4.44 18.00 12.99
C ILE B 55 -5.53 17.37 13.85
N PRO B 56 -5.16 16.49 14.79
CA PRO B 56 -6.15 15.86 15.63
C PRO B 56 -6.98 16.92 16.41
N ASP B 57 -8.25 16.60 16.68
CA ASP B 57 -9.08 17.36 17.60
C ASP B 57 -8.37 17.54 18.93
N GLN B 58 -8.51 18.73 19.50
CA GLN B 58 -7.88 19.08 20.81
C GLN B 58 -6.38 19.29 20.66
N CYS B 59 -5.88 19.26 19.45
CA CYS B 59 -4.49 19.63 19.23
C CYS B 59 -4.43 20.95 18.50
N THR B 60 -3.41 21.74 18.79
CA THR B 60 -3.28 22.98 18.10
C THR B 60 -1.89 23.10 17.50
N LEU B 61 -1.90 23.39 16.21
CA LEU B 61 -0.75 23.60 15.37
C LEU B 61 0.19 24.59 16.03
N GLU B 62 1.45 24.19 16.16
CA GLU B 62 2.48 25.05 16.72
C GLU B 62 3.47 25.49 15.65
N GLN B 63 3.80 24.58 14.73
CA GLN B 63 4.85 24.83 13.80
C GLN B 63 4.73 23.84 12.66
N VAL B 64 5.11 24.30 11.47
CA VAL B 64 5.27 23.37 10.34
C VAL B 64 6.57 23.64 9.52
N GLN B 65 7.14 22.53 9.09
CA GLN B 65 8.33 22.54 8.26
C GLN B 65 8.05 21.77 6.99
N LEU B 66 8.14 22.46 5.87
CA LEU B 66 8.18 21.79 4.57
C LEU B 66 9.60 21.67 4.00
N PHE B 67 9.94 20.44 3.62
CA PHE B 67 11.07 20.16 2.73
C PHE B 67 10.52 19.58 1.42
N SER B 68 10.63 20.39 0.37
CA SER B 68 10.01 20.12 -0.89
C SER B 68 11.06 20.01 -2.00
N ARG B 69 10.89 19.00 -2.86
CA ARG B 69 11.61 18.91 -4.11
C ARG B 69 11.02 19.95 -5.06
N HIS B 70 11.78 20.28 -6.11
CA HIS B 70 11.16 21.03 -7.21
C HIS B 70 9.97 20.24 -7.75
N GLY B 71 9.09 20.90 -8.48
CA GLY B 71 8.02 20.18 -9.14
C GLY B 71 8.51 19.50 -10.40
N GLU B 72 7.55 18.94 -11.13
CA GLU B 72 7.86 18.23 -12.37
C GLU B 72 8.73 19.12 -13.28
N ARG B 73 9.60 18.48 -14.04
CA ARG B 73 10.54 19.22 -14.88
C ARG B 73 10.74 18.52 -16.23
N TYR B 74 11.31 19.25 -17.19
CA TYR B 74 11.93 18.66 -18.36
C TYR B 74 13.10 17.81 -17.94
N PRO B 75 13.56 16.92 -18.84
CA PRO B 75 14.75 16.13 -18.56
C PRO B 75 15.93 17.02 -18.22
N SER B 76 16.93 16.45 -17.60
CA SER B 76 18.16 17.19 -17.41
C SER B 76 18.90 17.30 -18.74
N THR B 77 20.01 18.05 -18.75
CA THR B 77 20.90 18.11 -19.92
C THR B 77 21.39 16.71 -20.31
N GLY B 78 21.86 15.96 -19.32
CA GLY B 78 22.38 14.60 -19.53
C GLY B 78 21.32 13.66 -20.09
N SER B 79 20.17 13.61 -19.42
CA SER B 79 19.05 12.76 -19.83
C SER B 79 18.49 13.14 -21.18
N GLY B 80 18.29 14.44 -21.36
CA GLY B 80 17.85 14.98 -22.65
C GLY B 80 18.66 14.49 -23.84
N LYS B 81 19.98 14.46 -23.66
CA LYS B 81 20.93 13.97 -24.64
C LYS B 81 20.68 12.50 -24.95
N LYS B 82 20.55 11.69 -23.90
CA LYS B 82 20.19 10.27 -24.00
C LYS B 82 18.88 10.01 -24.72
N TYR B 83 17.86 10.82 -24.42
CA TYR B 83 16.51 10.63 -24.94
C TYR B 83 16.43 11.10 -26.35
N LYS B 84 17.07 12.23 -26.64
CA LYS B 84 17.16 12.71 -28.01
C LYS B 84 17.88 11.72 -28.91
N ALA B 85 18.94 11.10 -28.39
CA ALA B 85 19.73 10.08 -29.09
C ALA B 85 18.90 8.85 -29.37
N VAL B 86 18.19 8.36 -28.36
CA VAL B 86 17.37 7.16 -28.55
C VAL B 86 16.22 7.49 -29.50
N TYR B 87 15.67 8.69 -29.42
CA TYR B 87 14.69 9.10 -30.39
C TYR B 87 15.25 9.08 -31.82
N GLU B 88 16.46 9.65 -31.99
CA GLU B 88 17.14 9.66 -33.28
C GLU B 88 17.48 8.22 -33.74
N LYS B 89 17.93 7.38 -32.82
CA LYS B 89 18.22 5.99 -33.13
C LYS B 89 16.93 5.30 -33.61
N LEU B 90 15.85 5.44 -32.84
CA LEU B 90 14.56 4.93 -33.24
C LEU B 90 14.13 5.46 -34.61
N MET B 91 14.19 6.76 -34.81
CA MET B 91 13.67 7.37 -36.05
C MET B 91 14.44 6.96 -37.28
N SER B 92 15.66 6.46 -37.10
CA SER B 92 16.54 6.15 -38.21
C SER B 92 16.35 4.71 -38.61
N TYR B 93 15.38 4.05 -38.01
CA TYR B 93 14.98 2.72 -38.42
C TYR B 93 14.46 2.83 -39.84
N ASN B 94 14.94 1.95 -40.71
CA ASN B 94 14.42 1.94 -42.07
C ASN B 94 13.40 0.84 -42.09
N GLY B 95 12.16 1.25 -42.23
CA GLY B 95 11.08 0.33 -42.00
C GLY B 95 9.96 1.09 -41.37
N THR B 96 8.81 0.44 -41.37
CA THR B 96 7.68 1.02 -40.71
C THR B 96 7.56 0.24 -39.42
N PHE B 97 7.50 1.00 -38.32
CA PHE B 97 7.33 0.42 -36.99
C PHE B 97 5.97 -0.22 -36.91
N LYS B 98 5.97 -1.38 -36.27
CA LYS B 98 4.78 -2.14 -36.00
C LYS B 98 4.77 -2.46 -34.51
N GLY B 99 3.60 -2.86 -34.01
CA GLY B 99 3.44 -3.25 -32.61
C GLY B 99 3.40 -2.02 -31.71
N GLU B 100 4.01 -2.15 -30.55
CA GLU B 100 4.03 -1.11 -29.53
C GLU B 100 4.68 0.16 -30.01
N LEU B 101 5.66 0.02 -30.90
CA LEU B 101 6.42 1.14 -31.41
C LEU B 101 5.79 1.84 -32.60
N ALA B 102 4.66 1.33 -33.09
CA ALA B 102 3.98 1.92 -34.24
C ALA B 102 3.79 3.42 -34.14
N PHE B 103 3.68 3.98 -32.92
CA PHE B 103 3.45 5.43 -32.80
C PHE B 103 4.63 6.21 -33.38
N LEU B 104 5.79 5.55 -33.44
CA LEU B 104 6.99 6.20 -33.94
C LEU B 104 6.84 6.63 -35.41
N ASN B 105 5.90 6.03 -36.15
CA ASN B 105 5.63 6.42 -37.56
C ASN B 105 4.83 7.68 -37.71
N ASP B 106 4.15 8.12 -36.65
CA ASP B 106 3.05 9.06 -36.84
C ASP B 106 3.47 10.50 -36.69
N ASP B 107 4.56 10.87 -37.36
CA ASP B 107 5.07 12.24 -37.29
C ASP B 107 5.29 12.51 -35.79
N TYR B 108 5.94 11.55 -35.15
CA TYR B 108 6.28 11.59 -33.75
C TYR B 108 7.45 12.54 -33.54
N GLU B 109 7.16 13.64 -32.87
CA GLU B 109 8.18 14.65 -32.59
C GLU B 109 8.88 14.30 -31.29
N TYR B 110 10.15 14.69 -31.18
CA TYR B 110 10.89 14.60 -29.93
C TYR B 110 10.29 15.62 -28.95
N PHE B 111 10.08 15.21 -27.70
CA PHE B 111 9.21 15.98 -26.80
C PHE B 111 9.96 17.16 -26.18
N VAL B 112 11.27 17.20 -26.38
CA VAL B 112 12.03 18.42 -26.05
C VAL B 112 12.51 19.11 -27.33
N PRO B 113 11.66 19.88 -27.98
CA PRO B 113 12.07 20.49 -29.27
C PRO B 113 13.07 21.67 -29.07
N ASP B 114 12.93 22.40 -27.97
CA ASP B 114 13.87 23.44 -27.58
C ASP B 114 14.66 23.03 -26.36
N SER B 115 15.97 22.92 -26.51
CA SER B 115 16.86 22.51 -25.43
C SER B 115 16.99 23.55 -24.33
N VAL B 116 16.49 24.76 -24.56
CA VAL B 116 16.49 25.74 -23.46
C VAL B 116 15.61 25.26 -22.27
N TYR B 117 14.71 24.30 -22.53
CA TYR B 117 13.78 23.79 -21.50
C TYR B 117 14.37 22.70 -20.68
N LEU B 118 15.48 22.14 -21.15
CA LEU B 118 16.13 21.10 -20.39
C LEU B 118 16.46 21.71 -19.04
N GLU B 119 16.27 20.91 -17.99
CA GLU B 119 16.49 21.32 -16.58
C GLU B 119 15.39 22.20 -15.98
N LYS B 120 14.45 22.63 -16.79
CA LYS B 120 13.45 23.58 -16.30
C LYS B 120 12.24 22.81 -15.78
N GLU B 121 11.59 23.40 -14.80
CA GLU B 121 10.22 23.08 -14.42
C GLU B 121 9.37 23.21 -15.64
N THR B 122 8.54 22.21 -15.85
CA THR B 122 7.44 22.36 -16.78
C THR B 122 6.50 23.38 -16.17
N SER B 123 5.85 24.17 -17.02
CA SER B 123 4.95 25.25 -16.58
C SER B 123 3.90 25.47 -17.68
N PRO B 124 2.80 26.14 -17.38
CA PRO B 124 1.87 26.57 -18.43
C PRO B 124 2.54 27.36 -19.59
N LYS B 125 3.70 27.95 -19.33
CA LYS B 125 4.40 28.76 -20.31
C LYS B 125 5.20 27.90 -21.30
N ASN B 126 5.66 26.72 -20.88
CA ASN B 126 6.53 25.91 -21.72
C ASN B 126 6.03 24.50 -21.95
N SER B 127 4.80 24.23 -21.50
CA SER B 127 4.28 22.87 -21.46
C SER B 127 2.77 22.91 -21.55
N ASP B 128 2.21 21.90 -22.17
CA ASP B 128 0.77 21.75 -22.30
C ASP B 128 0.29 20.77 -21.27
N SER B 129 1.20 20.28 -20.44
CA SER B 129 0.90 19.20 -19.52
C SER B 129 0.18 19.70 -18.26
N ILE B 130 -0.89 19.00 -17.87
CA ILE B 130 -1.54 19.25 -16.59
C ILE B 130 -0.58 18.99 -15.40
N TYR B 131 0.48 18.21 -15.66
CA TYR B 131 1.45 17.83 -14.63
C TYR B 131 2.59 18.81 -14.51
N ALA B 132 2.39 20.05 -15.01
CA ALA B 132 3.40 21.08 -14.96
C ALA B 132 3.86 21.18 -13.49
N GLY B 133 5.16 21.36 -13.31
CA GLY B 133 5.72 21.38 -12.00
C GLY B 133 5.39 22.68 -11.31
N THR B 134 5.34 23.79 -12.05
CA THR B 134 5.05 25.03 -11.38
C THR B 134 3.61 25.03 -10.85
N THR B 135 2.68 24.50 -11.65
CA THR B 135 1.32 24.25 -11.25
C THR B 135 1.20 23.39 -10.00
N ASP B 136 1.95 22.32 -9.97
CA ASP B 136 2.02 21.44 -8.84
C ASP B 136 2.36 22.26 -7.58
N ALA B 137 3.38 23.12 -7.71
CA ALA B 137 3.98 23.88 -6.63
C ALA B 137 3.04 24.99 -6.18
N MET B 138 2.36 25.62 -7.14
CA MET B 138 1.41 26.66 -6.81
C MET B 138 0.23 26.07 -6.05
N LYS B 139 -0.30 24.98 -6.58
CA LYS B 139 -1.44 24.29 -5.96
C LYS B 139 -1.08 23.80 -4.57
N HIS B 140 0.16 23.35 -4.41
CA HIS B 140 0.66 22.95 -3.11
C HIS B 140 0.69 24.13 -2.14
N GLY B 141 1.27 25.24 -2.58
CA GLY B 141 1.32 26.48 -1.80
C GLY B 141 -0.06 26.84 -1.34
N ILE B 142 -1.04 26.80 -2.23
CA ILE B 142 -2.42 27.11 -1.86
C ILE B 142 -2.92 26.17 -0.76
N ALA B 143 -2.83 24.87 -1.01
CA ALA B 143 -3.26 23.83 -0.10
C ALA B 143 -2.59 24.02 1.25
N PHE B 144 -1.30 24.37 1.19
CA PHE B 144 -0.49 24.47 2.38
C PHE B 144 -0.92 25.68 3.23
N ARG B 145 -1.19 26.81 2.58
CA ARG B 145 -1.75 27.95 3.30
C ARG B 145 -3.11 27.59 3.92
N THR B 146 -3.93 26.85 3.18
CA THR B 146 -5.23 26.43 3.68
C THR B 146 -5.17 25.67 4.99
N LYS B 147 -4.24 24.73 5.09
CA LYS B 147 -4.07 23.90 6.24
C LYS B 147 -3.28 24.55 7.37
N TYR B 148 -2.19 25.25 7.06
CA TYR B 148 -1.25 25.66 8.08
C TYR B 148 -1.25 27.15 8.27
N GLY B 149 -2.13 27.82 7.55
CA GLY B 149 -2.22 29.29 7.49
C GLY B 149 -2.43 30.00 8.82
N GLU B 150 -3.12 29.38 9.77
CA GLU B 150 -3.29 29.98 11.08
C GLU B 150 -1.93 30.22 11.76
N LEU B 151 -0.89 29.51 11.31
CA LEU B 151 0.44 29.73 11.89
C LEU B 151 1.08 30.96 11.29
N PHE B 152 0.49 31.50 10.23
CA PHE B 152 1.06 32.62 9.52
C PHE B 152 0.49 33.96 10.01
N ASP B 153 1.39 34.80 10.52
CA ASP B 153 1.07 36.15 10.88
C ASP B 153 1.30 37.00 9.64
N THR B 154 0.23 37.57 9.10
CA THR B 154 0.30 38.39 7.89
C THR B 154 1.04 39.72 8.07
N ASN B 155 1.33 40.07 9.33
CA ASN B 155 2.20 41.20 9.59
C ASN B 155 3.68 40.83 9.40
N ASP B 156 3.93 39.55 9.13
CA ASP B 156 5.30 39.09 8.95
C ASP B 156 5.62 38.76 7.50
N THR B 157 6.88 38.99 7.13
CA THR B 157 7.40 38.47 5.90
C THR B 157 7.44 36.94 5.98
N LEU B 158 7.04 36.28 4.90
CA LEU B 158 7.24 34.85 4.80
C LEU B 158 8.65 34.59 4.31
N PRO B 159 9.49 33.92 5.09
CA PRO B 159 10.80 33.49 4.57
C PRO B 159 10.64 32.19 3.78
N VAL B 160 11.35 32.12 2.66
CA VAL B 160 11.40 30.93 1.81
C VAL B 160 12.88 30.58 1.70
N PHE B 161 13.15 29.28 1.78
CA PHE B 161 14.48 28.77 1.69
C PHE B 161 14.59 27.82 0.48
N THR B 162 15.53 28.13 -0.40
CA THR B 162 15.65 27.40 -1.62
C THR B 162 17.12 27.30 -2.02
N SER B 163 17.50 26.16 -2.59
CA SER B 163 18.78 26.06 -3.25
C SER B 163 18.73 26.90 -4.54
N ASN B 164 19.89 27.12 -5.15
CA ASN B 164 19.98 28.00 -6.32
C ASN B 164 19.76 27.27 -7.65
N SER B 165 19.44 25.98 -7.56
CA SER B 165 18.92 25.31 -8.74
C SER B 165 17.72 26.10 -9.29
N GLY B 166 17.79 26.50 -10.55
CA GLY B 166 16.73 27.31 -11.13
C GLY B 166 15.35 26.70 -10.94
N ARG B 167 15.24 25.39 -11.12
CA ARG B 167 13.95 24.71 -11.04
C ARG B 167 13.48 24.57 -9.57
N VAL B 168 14.44 24.40 -8.66
CA VAL B 168 14.11 24.38 -7.25
C VAL B 168 13.64 25.80 -6.86
N TYR B 169 14.43 26.79 -7.23
CA TYR B 169 14.07 28.18 -7.00
C TYR B 169 12.67 28.50 -7.55
N GLN B 170 12.38 28.04 -8.76
CA GLN B 170 11.12 28.44 -9.38
C GLN B 170 9.94 27.74 -8.67
N THR B 171 10.18 26.51 -8.24
CA THR B 171 9.27 25.79 -7.38
C THR B 171 8.97 26.61 -6.13
N SER B 172 10.01 26.98 -5.39
CA SER B 172 9.84 27.75 -4.17
C SER B 172 8.95 28.96 -4.45
N GLN B 173 9.14 29.61 -5.59
CA GLN B 173 8.40 30.82 -5.95
C GLN B 173 6.95 30.59 -6.29
N TYR B 174 6.69 29.56 -7.07
CA TYR B 174 5.31 29.19 -7.36
C TYR B 174 4.63 28.72 -6.10
N PHE B 175 5.35 28.01 -5.26
CA PHE B 175 4.79 27.61 -3.99
C PHE B 175 4.40 28.85 -3.18
N ALA B 176 5.32 29.80 -3.04
CA ALA B 176 5.10 30.99 -2.22
C ALA B 176 3.95 31.83 -2.79
N ARG B 177 3.83 31.86 -4.11
CA ARG B 177 2.73 32.58 -4.73
C ARG B 177 1.39 31.92 -4.47
N GLY B 178 1.34 30.58 -4.51
CA GLY B 178 0.17 29.85 -4.08
C GLY B 178 -0.20 30.14 -2.64
N PHE B 179 0.80 30.12 -1.75
CA PHE B 179 0.63 30.33 -0.34
C PHE B 179 0.11 31.75 -0.02
N MET B 180 0.72 32.75 -0.66
CA MET B 180 0.45 34.16 -0.37
C MET B 180 -0.73 34.77 -1.14
N GLY B 181 -1.08 34.14 -2.26
CA GLY B 181 -2.17 34.61 -3.07
C GLY B 181 -1.92 36.04 -3.47
N ASP B 182 -2.98 36.85 -3.44
CA ASP B 182 -2.87 38.24 -3.85
C ASP B 182 -2.10 39.12 -2.87
N ASP B 183 -1.59 38.53 -1.80
CA ASP B 183 -0.65 39.22 -0.90
C ASP B 183 0.81 39.00 -1.28
N PHE B 184 1.08 38.13 -2.26
CA PHE B 184 2.46 37.91 -2.72
C PHE B 184 3.04 39.18 -3.35
N SER B 185 4.22 39.56 -2.90
CA SER B 185 4.95 40.70 -3.42
C SER B 185 6.38 40.53 -2.91
N ASN B 186 7.26 41.46 -3.33
CA ASN B 186 8.67 41.47 -2.94
C ASN B 186 8.84 41.75 -1.45
N ASP B 187 7.80 42.31 -0.82
CA ASP B 187 7.83 42.67 0.58
C ASP B 187 7.23 41.64 1.51
N THR B 188 6.26 40.87 1.06
CA THR B 188 5.62 39.92 1.99
C THR B 188 6.35 38.59 2.00
N VAL B 189 7.27 38.41 1.05
CA VAL B 189 8.01 37.17 0.90
C VAL B 189 9.47 37.46 0.71
N LYS B 190 10.30 36.86 1.55
CA LYS B 190 11.72 36.93 1.39
C LYS B 190 12.29 35.53 1.11
N THR B 191 12.86 35.40 -0.08
CA THR B 191 13.43 34.13 -0.53
C THR B 191 14.91 34.15 -0.27
N ASN B 192 15.38 33.14 0.46
CA ASN B 192 16.77 32.94 0.73
C ASN B 192 17.29 31.82 -0.15
N ILE B 193 18.12 32.19 -1.12
CA ILE B 193 18.65 31.29 -2.12
C ILE B 193 19.98 30.80 -1.61
N ILE B 194 19.97 29.54 -1.19
CA ILE B 194 21.08 28.89 -0.54
C ILE B 194 21.93 28.14 -1.56
N SER B 195 23.14 28.66 -1.80
CA SER B 195 24.03 28.12 -2.77
C SER B 195 24.32 26.65 -2.57
N GLU B 196 24.30 25.95 -3.70
CA GLU B 196 24.74 24.57 -3.78
C GLU B 196 26.27 24.34 -3.82
N ASP B 197 27.07 25.40 -3.84
CA ASP B 197 28.54 25.22 -3.76
C ASP B 197 28.93 24.40 -2.56
N ALA B 198 29.94 23.57 -2.75
CA ALA B 198 30.55 22.80 -1.68
C ALA B 198 30.98 23.63 -0.47
N ASP B 199 31.22 24.92 -0.68
CA ASP B 199 31.75 25.77 0.38
C ASP B 199 30.70 26.24 1.39
N MET B 200 29.46 25.86 1.13
CA MET B 200 28.40 26.08 2.11
C MET B 200 28.46 25.07 3.25
N GLY B 201 29.18 23.98 3.05
CA GLY B 201 29.30 22.95 4.08
C GLY B 201 27.91 22.48 4.49
N ALA B 202 27.68 22.36 5.80
CA ALA B 202 26.42 21.86 6.29
C ALA B 202 25.38 22.97 6.27
N ASN B 203 25.81 24.21 6.03
CA ASN B 203 24.91 25.33 5.96
C ASN B 203 24.31 25.43 4.57
N SER B 204 23.42 24.47 4.32
CA SER B 204 23.04 24.16 2.97
C SER B 204 21.72 23.41 2.91
N LEU B 205 20.99 23.61 1.82
CA LEU B 205 19.87 22.74 1.46
C LEU B 205 20.30 21.52 0.61
N THR B 206 21.60 21.47 0.31
CA THR B 206 22.22 20.37 -0.40
C THR B 206 23.54 20.12 0.28
N PRO B 207 23.52 19.69 1.56
CA PRO B 207 24.75 19.46 2.31
C PRO B 207 25.63 18.36 1.73
N ARG B 208 25.08 17.57 0.80
CA ARG B 208 25.91 16.52 0.19
C ARG B 208 27.02 17.17 -0.66
N ASP B 209 26.74 18.38 -1.15
CA ASP B 209 27.66 19.09 -2.03
C ASP B 209 28.93 19.47 -1.32
N GLY B 210 28.84 19.68 -0.01
CA GLY B 210 30.00 20.00 0.80
C GLY B 210 30.60 18.78 1.45
N CYS B 211 30.01 17.61 1.20
CA CYS B 211 30.54 16.42 1.81
C CYS B 211 31.45 15.74 0.83
N PHE B 212 32.74 16.03 0.96
CA PHE B 212 33.71 15.51 0.02
C PHE B 212 33.90 14.02 0.09
N ASN B 213 33.79 13.46 1.28
CA ASN B 213 33.97 12.02 1.44
C ASN B 213 32.80 11.13 1.05
N TYR B 214 31.69 11.76 0.70
CA TYR B 214 30.54 11.04 0.28
C TYR B 214 30.75 10.62 -1.16
N ASN B 215 30.70 9.32 -1.38
CA ASN B 215 30.72 8.82 -2.72
C ASN B 215 29.38 8.18 -3.03
N GLU B 216 28.62 8.86 -3.89
CA GLU B 216 27.31 8.37 -4.26
C GLU B 216 27.43 7.03 -4.99
N ASN B 217 28.62 6.73 -5.54
CA ASN B 217 28.84 5.47 -6.27
C ASN B 217 29.58 4.40 -5.48
N ALA B 218 29.69 4.59 -4.17
CA ALA B 218 30.30 3.59 -3.31
C ALA B 218 29.76 2.17 -3.49
N ASN B 219 28.52 2.04 -4.00
CA ASN B 219 27.86 0.73 -4.13
C ASN B 219 27.32 0.39 -5.53
N THR B 220 27.81 1.06 -6.56
CA THR B 220 27.37 0.74 -7.92
C THR B 220 27.55 -0.75 -8.23
N ALA B 221 28.61 -1.38 -7.73
CA ALA B 221 28.80 -2.78 -8.01
C ALA B 221 27.60 -3.64 -7.63
N ILE B 222 27.14 -3.54 -6.38
CA ILE B 222 26.07 -4.44 -5.92
C ILE B 222 24.80 -4.18 -6.75
N VAL B 223 24.56 -2.91 -7.09
CA VAL B 223 23.36 -2.50 -7.80
C VAL B 223 23.33 -3.14 -9.19
N ASP B 224 24.49 -3.18 -9.87
CA ASP B 224 24.65 -3.83 -11.19
C ASP B 224 24.39 -5.32 -11.23
N GLU B 225 24.39 -5.97 -10.07
CA GLU B 225 24.03 -7.39 -10.03
C GLU B 225 22.53 -7.68 -10.20
N TYR B 226 21.70 -6.65 -10.08
CA TYR B 226 20.26 -6.86 -10.19
C TYR B 226 19.96 -7.19 -11.63
N THR B 227 19.11 -8.16 -11.86
CA THR B 227 18.76 -8.58 -13.22
C THR B 227 18.42 -7.43 -14.15
N THR B 228 18.87 -7.54 -15.39
CA THR B 228 18.48 -6.62 -16.45
C THR B 228 17.83 -7.43 -17.56
N GLU B 229 17.59 -8.70 -17.31
CA GLU B 229 16.98 -9.59 -18.29
C GLU B 229 15.63 -9.06 -18.85
N TYR B 230 14.83 -8.37 -18.03
CA TYR B 230 13.58 -7.81 -18.54
C TYR B 230 13.85 -6.85 -19.66
N LEU B 231 15.00 -6.20 -19.64
CA LEU B 231 15.36 -5.28 -20.73
C LEU B 231 15.57 -6.01 -22.04
N THR B 232 16.20 -7.19 -21.97
CA THR B 232 16.39 -8.07 -23.14
C THR B 232 15.06 -8.56 -23.73
N LYS B 233 14.21 -9.11 -22.86
CA LYS B 233 12.87 -9.57 -23.26
C LYS B 233 12.10 -8.46 -23.96
N ALA B 234 12.14 -7.26 -23.41
CA ALA B 234 11.44 -6.17 -24.01
C ALA B 234 12.07 -5.78 -25.35
N LEU B 235 13.40 -5.76 -25.41
CA LEU B 235 14.10 -5.43 -26.62
C LEU B 235 13.72 -6.45 -27.71
N ASN B 236 13.74 -7.73 -27.33
CA ASN B 236 13.38 -8.80 -28.21
C ASN B 236 11.96 -8.70 -28.72
N ARG B 237 11.04 -8.25 -27.88
CA ARG B 237 9.66 -8.09 -28.32
C ARG B 237 9.59 -6.97 -29.35
N PHE B 238 10.31 -5.89 -29.11
CA PHE B 238 10.36 -4.79 -30.08
C PHE B 238 10.91 -5.25 -31.44
N LYS B 239 11.99 -6.02 -31.39
CA LYS B 239 12.63 -6.56 -32.60
C LYS B 239 11.70 -7.52 -33.32
N ALA B 240 10.94 -8.34 -32.59
CA ALA B 240 10.03 -9.29 -33.21
C ALA B 240 9.02 -8.57 -34.09
N SER B 241 8.59 -7.38 -33.69
CA SER B 241 7.62 -6.65 -34.52
C SER B 241 8.36 -5.75 -35.54
N ASN B 242 9.67 -5.59 -35.31
CA ASN B 242 10.46 -4.65 -36.10
C ASN B 242 11.81 -5.25 -36.40
N PRO B 243 11.88 -6.05 -37.46
CA PRO B 243 13.12 -6.81 -37.75
C PRO B 243 14.21 -5.83 -38.18
N GLY B 244 15.41 -6.06 -37.71
CA GLY B 244 16.52 -5.17 -38.01
C GLY B 244 16.66 -4.01 -37.06
N LEU B 245 15.72 -3.87 -36.11
CA LEU B 245 15.72 -2.71 -35.22
C LEU B 245 17.00 -2.69 -34.41
N ASN B 246 17.76 -1.62 -34.56
CA ASN B 246 19.07 -1.51 -33.95
C ASN B 246 18.99 -0.66 -32.69
N ILE B 247 18.55 -1.24 -31.58
CA ILE B 247 18.65 -0.58 -30.28
C ILE B 247 19.12 -1.61 -29.29
N THR B 248 19.62 -1.17 -28.15
CA THR B 248 20.08 -2.11 -27.12
C THR B 248 19.22 -2.02 -25.87
N GLU B 249 19.57 -2.84 -24.90
CA GLU B 249 18.96 -2.82 -23.58
C GLU B 249 19.19 -1.45 -22.92
N ASP B 250 20.31 -0.80 -23.25
CA ASP B 250 20.61 0.52 -22.74
C ASP B 250 19.63 1.50 -23.27
N ASP B 251 19.32 1.36 -24.56
CA ASP B 251 18.31 2.20 -25.17
C ASP B 251 16.95 1.98 -24.51
N VAL B 252 16.58 0.72 -24.35
CA VAL B 252 15.34 0.34 -23.75
C VAL B 252 15.22 0.89 -22.33
N SER B 253 16.26 0.73 -21.53
CA SER B 253 16.29 1.26 -20.17
C SER B 253 16.01 2.77 -20.13
N ASN B 254 16.56 3.50 -21.10
CA ASN B 254 16.35 4.93 -21.23
C ASN B 254 14.92 5.33 -21.57
N LEU B 255 14.15 4.38 -22.07
CA LEU B 255 12.80 4.63 -22.49
C LEU B 255 11.79 4.68 -21.33
N PHE B 256 12.14 4.09 -20.18
CA PHE B 256 11.33 4.31 -18.97
C PHE B 256 11.40 5.76 -18.52
N GLY B 257 12.60 6.34 -18.50
CA GLY B 257 12.76 7.76 -18.21
C GLY B 257 12.20 8.60 -19.33
N TYR B 258 12.29 8.10 -20.55
CA TYR B 258 11.75 8.86 -21.67
C TYR B 258 10.21 8.99 -21.46
N CYS B 259 9.57 7.85 -21.23
CA CYS B 259 8.16 7.77 -20.75
C CYS B 259 7.89 8.78 -19.64
N ALA B 260 8.69 8.77 -18.57
CA ALA B 260 8.41 9.64 -17.41
C ALA B 260 8.38 11.09 -17.81
N TYR B 261 9.37 11.54 -18.61
CA TYR B 261 9.49 12.96 -18.94
C TYR B 261 8.58 13.40 -20.02
N GLU B 262 8.29 12.54 -20.97
CA GLU B 262 7.32 12.95 -21.98
C GLU B 262 5.95 13.10 -21.32
N LEU B 263 5.66 12.19 -20.38
CA LEU B 263 4.49 12.34 -19.53
C LEU B 263 4.50 13.72 -18.83
N ASN B 264 5.60 14.06 -18.12
CA ASN B 264 5.73 15.38 -17.51
C ASN B 264 5.44 16.49 -18.48
N VAL B 265 6.04 16.35 -19.66
CA VAL B 265 6.11 17.48 -20.59
C VAL B 265 4.86 17.61 -21.46
N LYS B 266 4.35 16.49 -21.91
CA LYS B 266 3.20 16.49 -22.80
C LYS B 266 1.92 16.08 -22.10
N GLY B 267 2.02 15.44 -20.95
CA GLY B 267 0.83 15.02 -20.20
C GLY B 267 0.39 13.62 -20.54
N ALA B 268 1.08 13.01 -21.50
CA ALA B 268 0.75 11.69 -21.97
C ALA B 268 1.94 11.28 -22.77
N SER B 269 2.32 10.01 -22.70
CA SER B 269 3.45 9.55 -23.57
C SER B 269 3.18 8.20 -24.17
N PRO B 270 3.26 8.10 -25.49
CA PRO B 270 3.14 6.79 -26.15
C PRO B 270 4.28 5.86 -25.77
N MET B 271 5.42 6.44 -25.40
CA MET B 271 6.54 5.67 -24.89
C MET B 271 6.18 4.85 -23.65
N CYS B 272 5.23 5.34 -22.85
CA CYS B 272 4.76 4.59 -21.67
C CYS B 272 4.09 3.28 -22.01
N ASP B 273 3.53 3.21 -23.21
CA ASP B 273 2.74 2.06 -23.69
C ASP B 273 3.51 0.84 -24.14
N ILE B 274 4.84 0.89 -24.12
CA ILE B 274 5.64 -0.19 -24.74
C ILE B 274 6.08 -1.26 -23.74
N PHE B 275 5.84 -1.01 -22.46
CA PHE B 275 6.29 -1.91 -21.39
C PHE B 275 5.13 -2.57 -20.65
N THR B 276 5.39 -3.77 -20.15
CA THR B 276 4.43 -4.46 -19.33
C THR B 276 4.64 -4.01 -17.89
N ASN B 277 3.63 -4.24 -17.06
CA ASN B 277 3.76 -3.91 -15.64
C ASN B 277 4.99 -4.52 -15.05
N GLU B 278 5.26 -5.74 -15.46
CA GLU B 278 6.32 -6.50 -14.91
C GLU B 278 7.70 -5.88 -15.22
N GLU B 279 7.83 -5.30 -16.40
CA GLU B 279 9.03 -4.54 -16.81
C GLU B 279 9.13 -3.25 -15.98
N PHE B 280 8.02 -2.50 -15.90
CA PHE B 280 7.93 -1.34 -15.03
C PHE B 280 8.37 -1.65 -13.62
N ILE B 281 7.87 -2.76 -13.05
CA ILE B 281 8.20 -3.10 -11.66
C ILE B 281 9.68 -3.38 -11.48
N GLN B 282 10.28 -3.98 -12.49
CA GLN B 282 11.71 -4.32 -12.38
C GLN B 282 12.53 -3.11 -12.66
N TYR B 283 12.12 -2.29 -13.63
CA TYR B 283 12.79 -1.01 -13.78
C TYR B 283 12.77 -0.21 -12.47
N SER B 284 11.59 -0.18 -11.87
CA SER B 284 11.34 0.58 -10.66
C SER B 284 12.26 0.11 -9.54
N TYR B 285 12.48 -1.20 -9.45
CA TYR B 285 13.25 -1.71 -8.35
C TYR B 285 14.73 -1.40 -8.60
N SER B 286 15.13 -1.34 -9.86
CA SER B 286 16.51 -1.01 -10.18
C SER B 286 16.81 0.42 -9.75
N VAL B 287 15.80 1.28 -9.88
CA VAL B 287 15.90 2.67 -9.36
C VAL B 287 15.95 2.74 -7.83
N ASP B 288 15.06 2.03 -7.15
CA ASP B 288 15.11 1.89 -5.69
C ASP B 288 16.46 1.42 -5.22
N LEU B 289 16.93 0.34 -5.84
CA LEU B 289 18.30 -0.15 -5.60
C LEU B 289 19.32 0.94 -5.76
N ASP B 290 19.35 1.57 -6.93
CA ASP B 290 20.32 2.64 -7.18
C ASP B 290 20.25 3.76 -6.13
N ASP B 291 19.04 4.24 -5.83
CA ASP B 291 18.85 5.31 -4.86
C ASP B 291 19.08 4.88 -3.44
N TYR B 292 18.72 3.65 -3.08
CA TYR B 292 18.95 3.19 -1.72
C TYR B 292 20.46 3.17 -1.43
N TYR B 293 21.21 2.65 -2.39
CA TYR B 293 22.63 2.41 -2.23
C TYR B 293 23.48 3.65 -2.45
N SER B 294 22.95 4.65 -3.17
CA SER B 294 23.63 5.94 -3.41
C SER B 294 23.21 7.01 -2.44
N ASN B 295 21.90 7.05 -2.10
CA ASN B 295 21.27 8.22 -1.49
C ASN B 295 20.67 7.95 -0.11
N SER B 296 20.61 6.68 0.25
CA SER B 296 19.97 6.33 1.49
C SER B 296 20.89 5.43 2.33
N ALA B 297 20.28 4.64 3.20
CA ALA B 297 21.01 3.98 4.26
C ALA B 297 22.04 2.95 3.76
N GLY B 298 21.97 2.56 2.49
CA GLY B 298 22.95 1.63 1.89
C GLY B 298 24.30 2.29 1.74
N ASN B 299 24.30 3.62 1.68
CA ASN B 299 25.52 4.39 1.64
C ASN B 299 25.84 4.92 3.06
N ASN B 300 27.01 4.54 3.60
CA ASN B 300 27.31 4.79 5.02
C ASN B 300 27.63 6.23 5.34
N MET B 301 27.59 7.09 4.33
CA MET B 301 27.82 8.52 4.50
C MET B 301 26.52 9.35 4.44
N THR B 302 25.39 8.75 4.16
CA THR B 302 24.18 9.56 4.09
C THR B 302 23.61 9.91 5.47
N ARG B 303 23.89 9.09 6.47
CA ARG B 303 23.45 9.41 7.82
C ARG B 303 23.95 10.78 8.25
N VAL B 304 25.26 11.00 8.08
CA VAL B 304 25.87 12.22 8.52
C VAL B 304 25.36 13.39 7.70
N ILE B 305 25.26 13.24 6.38
CA ILE B 305 24.76 14.38 5.59
C ILE B 305 23.29 14.65 5.94
N GLY B 306 22.53 13.57 6.06
CA GLY B 306 21.11 13.70 6.35
C GLY B 306 20.86 14.36 7.69
N SER B 307 21.77 14.15 8.64
CA SER B 307 21.59 14.68 9.99
C SER B 307 21.75 16.17 10.08
N THR B 308 22.42 16.79 9.10
CA THR B 308 22.53 18.23 9.18
C THR B 308 21.15 18.85 9.21
N LEU B 309 20.25 18.43 8.29
CA LEU B 309 18.91 19.00 8.28
C LEU B 309 18.01 18.39 9.38
N LEU B 310 18.27 17.16 9.78
CA LEU B 310 17.53 16.59 10.88
C LEU B 310 17.76 17.43 12.14
N ASN B 311 19.03 17.75 12.41
CA ASN B 311 19.42 18.64 13.51
C ASN B 311 18.78 20.00 13.43
N ALA B 312 18.85 20.64 12.27
CA ALA B 312 18.36 22.00 12.11
C ALA B 312 16.84 22.03 12.31
N SER B 313 16.19 21.04 11.72
CA SER B 313 14.76 20.88 11.85
C SER B 313 14.34 20.72 13.33
N LEU B 314 15.10 19.91 14.05
CA LEU B 314 14.92 19.69 15.47
C LEU B 314 15.18 20.97 16.28
N GLU B 315 16.22 21.70 15.94
CA GLU B 315 16.43 23.00 16.54
C GLU B 315 15.20 23.88 16.37
N LEU B 316 14.61 23.88 15.18
CA LEU B 316 13.42 24.71 14.91
C LEU B 316 12.25 24.26 15.79
N LEU B 317 12.08 22.96 15.89
CA LEU B 317 11.07 22.30 16.74
C LEU B 317 11.21 22.70 18.20
N ASN B 318 12.44 22.69 18.71
CA ASN B 318 12.75 23.03 20.10
C ASN B 318 12.63 24.51 20.46
N HIS B 319 12.58 25.40 19.48
CA HIS B 319 12.51 26.82 19.77
C HIS B 319 11.14 27.35 19.49
N ASP B 320 10.29 27.23 20.50
CA ASP B 320 8.90 27.60 20.40
C ASP B 320 8.63 29.10 20.38
N LYS B 321 9.65 29.92 20.61
CA LYS B 321 9.42 31.35 20.73
C LYS B 321 9.69 32.15 19.47
N ASN B 322 10.19 31.48 18.42
CA ASN B 322 10.46 32.09 17.11
C ASN B 322 9.15 32.64 16.53
N GLU B 323 9.16 33.90 16.12
CA GLU B 323 7.98 34.54 15.55
C GLU B 323 7.48 33.75 14.33
N ASN B 324 8.43 33.23 13.55
CA ASN B 324 8.09 32.51 12.33
C ASN B 324 7.85 31.04 12.64
N LYS B 325 6.70 30.52 12.19
CA LYS B 325 6.30 29.15 12.53
C LYS B 325 6.23 28.24 11.31
N ILE B 326 6.56 28.82 10.15
CA ILE B 326 6.41 28.14 8.87
C ILE B 326 7.76 28.10 8.17
N TRP B 327 8.29 26.89 8.06
CA TRP B 327 9.61 26.67 7.45
C TRP B 327 9.43 26.02 6.07
N LEU B 328 9.80 26.79 5.05
CA LEU B 328 9.62 26.37 3.68
C LEU B 328 10.99 26.20 3.00
N SER B 329 11.38 24.95 2.79
CA SER B 329 12.67 24.61 2.22
C SER B 329 12.49 23.81 0.93
N PHE B 330 13.21 24.25 -0.11
CA PHE B 330 13.14 23.60 -1.43
C PHE B 330 14.52 23.19 -1.89
N THR B 331 14.59 21.98 -2.41
CA THR B 331 15.85 21.34 -2.76
C THR B 331 15.59 20.18 -3.73
N HIS B 332 16.51 19.25 -3.85
CA HIS B 332 16.41 18.16 -4.82
C HIS B 332 15.95 16.91 -4.15
N ASP B 333 15.48 15.95 -4.95
CA ASP B 333 15.21 14.61 -4.44
C ASP B 333 16.35 14.06 -3.61
N THR B 334 17.59 14.22 -4.08
CA THR B 334 18.72 13.54 -3.42
C THR B 334 18.91 14.01 -2.00
N ASP B 335 18.78 15.31 -1.81
CA ASP B 335 18.90 15.95 -0.51
C ASP B 335 17.79 15.52 0.41
N ILE B 336 16.59 15.38 -0.13
CA ILE B 336 15.46 14.97 0.66
C ILE B 336 15.60 13.51 0.96
N GLU B 337 16.11 12.75 0.01
CA GLU B 337 16.34 11.32 0.20
C GLU B 337 17.45 11.07 1.22
N ILE B 338 18.53 11.83 1.14
CA ILE B 338 19.56 11.70 2.13
C ILE B 338 19.06 12.19 3.50
N PHE B 339 18.30 13.27 3.53
CA PHE B 339 17.66 13.72 4.77
C PHE B 339 16.88 12.55 5.39
N HIS B 340 16.16 11.82 4.56
CA HIS B 340 15.39 10.66 4.99
C HIS B 340 16.18 9.49 5.48
N SER B 341 17.40 9.36 5.00
CA SER B 341 18.32 8.35 5.52
C SER B 341 18.57 8.58 7.01
N ALA B 342 18.67 9.86 7.39
CA ALA B 342 18.78 10.25 8.79
C ALA B 342 17.43 10.20 9.55
N ILE B 343 16.34 10.63 8.92
CA ILE B 343 15.00 10.61 9.56
C ILE B 343 14.64 9.21 10.01
N GLY B 344 14.85 8.23 9.13
CA GLY B 344 14.75 6.85 9.52
C GLY B 344 13.34 6.33 9.52
N ILE B 345 12.40 7.04 8.90
CA ILE B 345 11.02 6.58 8.98
C ILE B 345 10.59 5.74 7.79
N LEU B 346 11.34 5.80 6.68
CA LEU B 346 11.00 5.04 5.46
C LEU B 346 12.20 4.23 4.97
N ILE B 347 13.04 3.88 5.93
CA ILE B 347 14.30 3.23 5.68
C ILE B 347 14.17 1.78 6.15
N PRO B 348 14.54 0.82 5.29
CA PRO B 348 14.45 -0.58 5.67
C PRO B 348 15.53 -0.92 6.69
N ASP B 349 15.30 -1.96 7.50
CA ASP B 349 16.31 -2.45 8.46
C ASP B 349 17.52 -3.08 7.84
N GLU B 350 17.34 -3.74 6.71
CA GLU B 350 18.44 -4.37 6.00
C GLU B 350 18.60 -3.70 4.65
N ASP B 351 19.82 -3.79 4.12
CA ASP B 351 20.11 -3.40 2.78
C ASP B 351 19.25 -4.16 1.77
N LEU B 352 18.92 -3.48 0.69
CA LEU B 352 18.16 -4.12 -0.37
C LEU B 352 18.90 -5.31 -1.03
N PRO B 353 18.17 -6.38 -1.30
CA PRO B 353 18.72 -7.48 -2.11
C PRO B 353 18.77 -7.13 -3.59
N VAL B 354 19.66 -7.78 -4.31
CA VAL B 354 19.81 -7.61 -5.76
C VAL B 354 19.61 -8.94 -6.48
N ASP B 355 19.55 -10.03 -5.76
CA ASP B 355 19.51 -11.33 -6.42
C ASP B 355 18.08 -11.80 -6.67
N TYR B 356 17.10 -11.00 -6.26
CA TYR B 356 15.68 -11.21 -6.57
C TYR B 356 14.97 -9.88 -6.47
N THR B 357 13.74 -9.80 -6.98
CA THR B 357 12.92 -8.63 -6.79
C THR B 357 12.03 -8.87 -5.55
N PRO B 358 12.23 -8.05 -4.50
CA PRO B 358 11.43 -8.17 -3.30
C PRO B 358 10.13 -7.44 -3.47
N PHE B 359 9.10 -7.93 -2.80
CA PHE B 359 7.76 -7.33 -2.87
C PHE B 359 7.21 -7.21 -1.44
N PRO B 360 7.03 -5.99 -0.95
CA PRO B 360 7.34 -4.77 -1.71
C PRO B 360 8.84 -4.49 -1.75
N SER B 361 9.24 -3.50 -2.52
CA SER B 361 10.58 -2.97 -2.37
C SER B 361 10.70 -2.48 -0.92
N PRO B 362 11.71 -2.95 -0.19
CA PRO B 362 11.90 -2.51 1.20
C PRO B 362 12.22 -1.01 1.26
N TYR B 363 12.54 -0.42 0.12
CA TYR B 363 12.85 0.97 0.10
C TYR B 363 12.15 1.53 -1.08
N SER B 364 11.19 2.42 -0.86
CA SER B 364 10.48 2.96 -2.00
C SER B 364 10.90 4.39 -2.26
N HIS B 365 11.72 4.58 -3.28
CA HIS B 365 12.22 5.89 -3.61
C HIS B 365 11.10 6.88 -4.02
N VAL B 366 10.20 6.47 -4.88
CA VAL B 366 9.07 7.31 -5.29
C VAL B 366 8.08 7.63 -4.10
N GLY B 367 8.12 6.84 -3.03
CA GLY B 367 7.28 7.14 -1.88
C GLY B 367 7.84 8.29 -1.06
N ILE B 368 9.12 8.57 -1.27
CA ILE B 368 9.80 9.63 -0.60
C ILE B 368 9.96 10.82 -1.52
N THR B 369 10.50 10.59 -2.73
CA THR B 369 10.73 11.75 -3.62
C THR B 369 10.16 11.60 -5.02
N PRO B 370 8.84 11.69 -5.18
CA PRO B 370 8.27 11.85 -6.52
C PRO B 370 8.63 13.29 -6.95
N GLN B 371 8.37 13.64 -8.21
CA GLN B 371 8.41 15.02 -8.58
C GLN B 371 7.44 15.76 -7.65
N GLY B 372 7.84 16.93 -7.18
CA GLY B 372 7.03 17.74 -6.26
C GLY B 372 6.96 17.16 -4.86
N ALA B 373 7.93 16.34 -4.51
CA ALA B 373 7.94 15.66 -3.24
C ALA B 373 7.80 16.66 -2.09
N ARG B 374 7.15 16.21 -1.03
CA ARG B 374 6.93 17.07 0.10
C ARG B 374 7.13 16.24 1.34
N THR B 375 8.08 16.64 2.16
CA THR B 375 8.33 16.05 3.45
C THR B 375 7.98 17.16 4.41
N ILE B 376 6.94 16.93 5.21
CA ILE B 376 6.44 17.91 6.17
C ILE B 376 6.58 17.41 7.61
N ILE B 377 7.06 18.31 8.48
CA ILE B 377 7.01 18.03 9.90
C ILE B 377 5.98 18.98 10.50
N GLU B 378 4.97 18.35 11.10
CA GLU B 378 3.95 19.04 11.81
C GLU B 378 4.32 19.09 13.29
N LYS B 379 4.14 20.23 13.94
CA LYS B 379 4.21 20.26 15.40
C LYS B 379 2.91 20.83 15.97
N TYR B 380 2.34 20.15 16.96
CA TYR B 380 1.12 20.63 17.58
C TYR B 380 1.03 20.26 19.03
N ALA B 381 0.35 21.11 19.79
CA ALA B 381 0.13 20.88 21.20
C ALA B 381 -1.17 20.16 21.40
N CYS B 382 -1.13 19.25 22.35
CA CYS B 382 -2.27 18.54 22.83
C CYS B 382 -2.11 18.57 24.34
N GLY B 383 -2.97 19.33 24.99
CA GLY B 383 -2.85 19.51 26.43
C GLY B 383 -1.52 20.16 26.73
N ASN B 384 -0.82 19.64 27.74
CA ASN B 384 0.40 20.31 28.19
C ASN B 384 1.65 19.78 27.46
N GLU B 385 1.44 19.07 26.34
CA GLU B 385 2.55 18.50 25.58
C GLU B 385 2.52 18.90 24.13
N SER B 386 3.73 18.96 23.54
CA SER B 386 3.88 19.18 22.12
C SER B 386 4.21 17.89 21.37
N TYR B 387 3.63 17.72 20.21
CA TYR B 387 3.90 16.51 19.44
C TYR B 387 4.36 16.82 18.05
N VAL B 388 5.07 15.87 17.50
CA VAL B 388 5.71 16.04 16.19
C VAL B 388 5.32 14.83 15.36
N ARG B 389 5.04 15.06 14.08
CA ARG B 389 4.90 13.94 13.18
C ARG B 389 5.27 14.34 11.75
N TYR B 390 5.58 13.31 10.96
CA TYR B 390 5.93 13.46 9.53
C TYR B 390 4.78 13.19 8.61
N VAL B 391 4.62 14.03 7.60
CA VAL B 391 3.63 13.83 6.56
C VAL B 391 4.43 13.84 5.28
N ILE B 392 4.62 12.64 4.72
CA ILE B 392 5.49 12.48 3.55
C ILE B 392 4.55 12.24 2.40
N ASN B 393 4.58 13.11 1.42
CA ASN B 393 3.72 13.07 0.24
C ASN B 393 2.27 12.78 0.63
N ASP B 394 1.82 13.59 1.60
CA ASP B 394 0.44 13.65 2.05
C ASP B 394 0.02 12.43 2.82
N ALA B 395 0.98 11.64 3.30
CA ALA B 395 0.65 10.54 4.20
C ALA B 395 1.39 10.70 5.52
N VAL B 396 0.68 10.49 6.63
CA VAL B 396 1.38 10.48 7.91
C VAL B 396 2.21 9.22 7.97
N ILE B 397 3.49 9.38 8.26
CA ILE B 397 4.42 8.27 8.44
C ILE B 397 4.91 8.28 9.87
N PRO B 398 4.33 7.46 10.73
CA PRO B 398 4.72 7.44 12.17
C PRO B 398 6.17 7.02 12.37
N ILE B 399 6.85 7.61 13.34
CA ILE B 399 8.20 7.24 13.70
C ILE B 399 7.99 5.94 14.47
N LYS B 400 8.78 4.93 14.14
CA LYS B 400 8.68 3.63 14.75
C LYS B 400 8.93 3.75 16.24
N LYS B 401 7.98 3.27 17.05
CA LYS B 401 8.09 3.31 18.53
C LYS B 401 8.04 4.71 19.10
N CYS B 402 7.76 5.72 18.26
CA CYS B 402 7.38 7.05 18.71
C CYS B 402 6.16 7.58 17.99
N SER B 403 5.04 6.93 18.25
CA SER B 403 3.82 7.20 17.51
C SER B 403 2.63 7.09 18.46
N SER B 404 2.88 7.36 19.75
CA SER B 404 1.88 7.27 20.83
C SER B 404 1.05 8.51 21.00
N GLY B 405 1.49 9.62 20.43
CA GLY B 405 0.81 10.87 20.68
C GLY B 405 -0.38 10.97 19.74
N PRO B 406 -1.19 12.00 19.88
CA PRO B 406 -2.36 12.14 18.98
C PRO B 406 -1.89 12.21 17.51
N GLY B 407 -2.62 11.54 16.63
CA GLY B 407 -2.31 11.42 15.18
C GLY B 407 -1.04 10.60 14.94
N PHE B 408 -0.74 9.71 15.89
CA PHE B 408 0.45 8.84 15.86
C PHE B 408 1.71 9.63 15.82
N SER B 409 1.71 10.66 16.66
CA SER B 409 2.81 11.59 16.77
C SER B 409 3.77 11.19 17.87
N CYS B 410 4.87 11.93 17.92
CA CYS B 410 5.91 11.68 18.86
C CYS B 410 5.97 12.91 19.78
N ASN B 411 5.81 12.69 21.09
CA ASN B 411 6.06 13.76 22.05
C ASN B 411 7.42 14.39 21.67
N LEU B 412 7.48 15.72 21.65
CA LEU B 412 8.69 16.42 21.31
C LEU B 412 9.89 15.99 22.16
N ASN B 413 9.64 15.72 23.46
CA ASN B 413 10.68 15.15 24.33
C ASN B 413 11.21 13.83 23.82
N ASP B 414 10.30 12.95 23.44
CA ASP B 414 10.70 11.68 22.83
C ASP B 414 11.32 11.89 21.45
N TYR B 415 10.88 12.91 20.72
CA TYR B 415 11.42 13.15 19.40
C TYR B 415 12.88 13.58 19.51
N ASN B 416 13.18 14.34 20.56
CA ASN B 416 14.56 14.71 20.91
C ASN B 416 15.46 13.51 21.08
N ASP B 417 14.97 12.50 21.77
CA ASP B 417 15.75 11.30 22.00
C ASP B 417 15.89 10.50 20.72
N TYR B 418 14.85 10.54 19.90
CA TYR B 418 14.83 9.82 18.66
C TYR B 418 15.91 10.40 17.71
N VAL B 419 15.91 11.73 17.53
CA VAL B 419 16.86 12.41 16.69
C VAL B 419 18.28 12.21 17.21
N ALA B 420 18.49 12.39 18.52
CA ALA B 420 19.78 12.10 19.16
C ALA B 420 20.31 10.76 18.73
N GLU B 421 19.45 9.78 18.75
CA GLU B 421 19.91 8.45 18.45
C GLU B 421 20.21 8.29 16.92
N ARG B 422 19.36 8.91 16.09
CA ARG B 422 19.60 8.92 14.66
C ARG B 422 20.95 9.60 14.31
N VAL B 423 21.28 10.69 14.99
CA VAL B 423 22.48 11.46 14.66
C VAL B 423 23.69 11.10 15.51
N ALA B 424 23.55 10.13 16.41
CA ALA B 424 24.65 9.73 17.29
C ALA B 424 25.88 9.41 16.47
N GLY B 425 26.99 10.05 16.84
CA GLY B 425 28.27 9.73 16.22
C GLY B 425 28.42 10.34 14.84
N THR B 426 27.61 11.34 14.51
CA THR B 426 27.82 12.02 13.25
C THR B 426 28.58 13.27 13.54
N ASN B 427 29.37 13.66 12.55
CA ASN B 427 30.19 14.82 12.63
C ASN B 427 30.43 15.18 11.19
N TYR B 428 29.77 16.23 10.74
CA TYR B 428 29.82 16.58 9.34
C TYR B 428 31.21 17.05 8.92
N VAL B 429 31.76 18.00 9.67
CA VAL B 429 33.09 18.56 9.40
C VAL B 429 34.11 17.44 9.26
N GLU B 430 34.07 16.50 10.20
CA GLU B 430 35.04 15.46 10.29
C GLU B 430 34.81 14.29 9.34
N GLN B 431 33.56 13.84 9.18
CA GLN B 431 33.31 12.68 8.31
C GLN B 431 33.32 13.06 6.84
N CYS B 432 32.99 14.32 6.58
CA CYS B 432 32.88 14.87 5.25
C CYS B 432 34.14 15.53 4.72
N GLY B 433 35.06 15.93 5.61
CA GLY B 433 36.30 16.59 5.19
C GLY B 433 36.10 18.04 4.81
N ASN B 434 35.07 18.69 5.36
CA ASN B 434 34.78 20.06 4.96
C ASN B 434 34.78 21.01 6.16
N ASN B 435 35.71 21.96 6.17
CA ASN B 435 35.86 22.89 7.30
C ASN B 435 35.11 24.18 7.13
N ASN B 436 34.20 24.19 6.16
CA ASN B 436 33.24 25.25 6.11
C ASN B 436 32.18 25.06 7.18
N ALA B 437 31.03 25.71 7.04
CA ALA B 437 29.97 25.61 8.04
C ALA B 437 29.72 24.15 8.55
N SER B 438 29.73 23.98 9.86
CA SER B 438 29.57 22.67 10.48
C SER B 438 28.11 22.34 10.73
N ALA B 439 27.25 23.33 10.65
CA ALA B 439 25.84 23.15 10.98
C ALA B 439 24.98 24.14 10.18
N VAL B 440 23.68 23.86 10.05
CA VAL B 440 22.75 24.79 9.42
C VAL B 440 22.59 26.03 10.31
N THR B 441 22.71 27.21 9.70
CA THR B 441 22.39 28.44 10.38
C THR B 441 21.38 29.27 9.61
N PHE B 442 21.13 28.93 8.34
CA PHE B 442 20.45 29.89 7.45
C PHE B 442 19.00 30.12 7.89
N TYR B 443 18.43 29.21 8.68
CA TYR B 443 17.05 29.44 9.19
C TYR B 443 17.03 30.59 10.16
N TRP B 444 18.20 30.88 10.77
CA TRP B 444 18.25 31.87 11.85
C TRP B 444 18.99 33.13 11.45
N ASP B 445 19.95 32.99 10.54
CA ASP B 445 20.81 34.12 10.25
C ASP B 445 20.51 34.80 8.94
N TYR B 446 19.45 34.36 8.25
CA TYR B 446 19.13 34.91 6.90
C TYR B 446 18.78 36.39 6.84
N GLU B 447 18.49 36.98 8.01
CA GLU B 447 18.19 38.40 8.08
C GLU B 447 19.46 39.23 8.03
N THR B 448 20.57 38.64 8.49
CA THR B 448 21.84 39.33 8.57
C THR B 448 22.89 38.78 7.59
N THR B 449 22.60 37.64 6.99
CA THR B 449 23.41 37.04 5.93
C THR B 449 22.57 37.12 4.65
N ASN B 450 23.20 37.50 3.54
CA ASN B 450 22.49 37.58 2.28
C ASN B 450 22.68 36.27 1.51
N TYR B 451 21.62 35.48 1.45
CA TYR B 451 21.57 34.26 0.65
C TYR B 451 20.96 34.63 -0.67
N THR B 452 21.81 35.06 -1.59
CA THR B 452 21.33 35.44 -2.92
C THR B 452 22.19 34.79 -4.03
N ALA B 453 22.56 33.52 -3.89
CA ALA B 453 23.31 32.84 -4.93
C ALA B 453 22.59 32.95 -6.27
N SER B 454 23.35 33.08 -7.34
CA SER B 454 22.71 33.14 -8.63
C SER B 454 22.27 31.74 -9.07
N LEU B 455 21.24 31.73 -9.89
CA LEU B 455 20.57 30.52 -10.29
C LEU B 455 21.43 29.76 -11.27
N ILE B 456 21.52 28.46 -11.04
CA ILE B 456 22.19 27.55 -11.96
C ILE B 456 21.18 26.72 -12.72
N ASN B 457 21.56 26.33 -13.95
CA ASN B 457 20.75 25.56 -14.84
C ASN B 457 20.97 24.08 -14.58
N SER B 458 20.52 23.65 -13.42
CA SER B 458 20.53 22.27 -12.99
C SER B 458 19.60 22.24 -11.78
C1 NAG C . 4.02 -32.37 3.97
C2 NAG C . 3.80 -33.02 5.36
C3 NAG C . 5.09 -33.67 5.91
C4 NAG C . 5.72 -34.62 4.87
C5 NAG C . 5.91 -33.78 3.59
C6 NAG C . 6.53 -34.53 2.44
C7 NAG C . 1.98 -32.04 6.74
C8 NAG C . 1.73 -31.29 8.01
N2 NAG C . 3.26 -32.05 6.32
O3 NAG C . 4.78 -34.34 7.11
O4 NAG C . 6.91 -35.31 5.31
O5 NAG C . 4.65 -33.30 3.12
O6 NAG C . 6.48 -33.65 1.35
O7 NAG C . 1.02 -32.58 6.15
C1 NAG D . -9.79 -39.33 15.66
C2 NAG D . -9.13 -40.23 16.72
C3 NAG D . -9.93 -40.37 18.03
C4 NAG D . -10.60 -39.04 18.44
C5 NAG D . -11.38 -38.53 17.22
C6 NAG D . -12.38 -37.41 17.51
C7 NAG D . -7.68 -42.04 16.03
C8 NAG D . -7.52 -43.30 15.22
N2 NAG D . -8.92 -41.56 16.20
O3 NAG D . -9.07 -40.86 19.05
O4 NAG D . -11.43 -39.20 19.58
O5 NAG D . -10.42 -38.19 16.23
O6 NAG D . -11.74 -36.26 18.03
O7 NAG D . -6.70 -41.49 16.51
C1 NAG E . 23.57 16.62 15.05
C2 NAG E . 25.01 16.54 14.51
C3 NAG E . 25.99 15.91 15.51
C4 NAG E . 25.81 16.42 16.94
C5 NAG E . 24.32 16.50 17.32
C6 NAG E . 24.07 17.25 18.65
C7 NAG E . 25.26 16.60 12.11
C8 NAG E . 25.78 15.89 10.90
N2 NAG E . 25.09 15.87 13.22
O3 NAG E . 27.30 16.25 15.12
O4 NAG E . 26.57 15.62 17.84
O5 NAG E . 23.59 17.22 16.33
O6 NAG E . 22.74 17.00 19.08
O7 NAG E . 25.04 17.81 12.04
C1 NAG F . 35.22 25.51 2.02
C2 NAG F . 36.72 25.70 2.30
C3 NAG F . 37.48 26.37 1.15
C4 NAG F . 37.11 25.75 -0.20
C5 NAG F . 35.60 25.52 -0.39
C6 NAG F . 35.29 24.70 -1.64
C7 NAG F . 37.57 25.81 4.58
C8 NAG F . 37.83 26.69 5.78
N2 NAG F . 36.99 26.42 3.54
O3 NAG F . 38.86 26.21 1.38
O4 NAG F . 37.64 26.57 -1.21
O5 NAG F . 35.02 24.87 0.75
O6 NAG F . 35.65 23.35 -1.41
O7 NAG F . 37.88 24.61 4.58
C1 NAG G . 4.31 44.17 12.60
C2 NAG G . 4.04 44.41 14.10
C3 NAG G . 5.02 45.39 14.80
C4 NAG G . 6.43 45.30 14.24
C5 NAG G . 6.38 45.30 12.69
C6 NAG G . 7.74 45.32 12.00
C7 NAG G . 1.72 44.06 14.76
C8 NAG G . 0.32 44.63 14.82
N2 NAG G . 2.67 44.86 14.26
O3 NAG G . 5.06 45.13 16.20
O4 NAG G . 7.24 46.35 14.75
O5 NAG G . 5.69 44.14 12.30
O6 NAG G . 8.28 44.02 12.12
O7 NAG G . 1.97 42.93 15.14
#